data_6U06
#
_entry.id   6U06
#
_cell.length_a   38.110
_cell.length_b   38.290
_cell.length_c   146.820
_cell.angle_alpha   87.960
_cell.angle_beta   94.870
_cell.angle_gamma   101.640
#
_symmetry.space_group_name_H-M   'P 1'
#
loop_
_entity.id
_entity.type
_entity.pdbx_description
1 polymer 'Eukaryotic translation initiation factor 4E'
2 non-polymer '3-{[(4-cyanophenyl)methyl](1-oxo-1,2-dihydroisoquinolin-7-yl)sulfamoyl}benzene-1-sulfonyl fluoride'
3 water water
#
_entity_poly.entity_id   1
_entity_poly.type   'polypeptide(L)'
_entity_poly.pdbx_seq_one_letter_code
;VANPEHYIKHPLQNRWALWFFKNDKSKTWQANLRLISKFDTVEDFWALYNHIQLSSNLMPGCDYSLFKDGIEPMWEDEKN
KRGGRWLITLNKQQRRSDLDRFWLETLLCLIGESFDDYSDDVCGAVVNVRAKGDKIAIWTTECENRDAVTHIGRVYKERL
GLPPKIVIGYQSHADTATKSGSTTKNRFVV
;
_entity_poly.pdbx_strand_id   A,B,C,D
#
loop_
_chem_comp.id
_chem_comp.type
_chem_comp.name
_chem_comp.formula
EI8 non-polymer '3-{[(4-cyanophenyl)methyl](1-oxo-1,2-dihydroisoquinolin-7-yl)sulfamoyl}benzene-1-sulfonyl fluoride' 'C23 H16 F N3 O5 S2'
#
# COMPACT_ATOMS: atom_id res chain seq x y z
N ASN A 3 -46.37 23.99 -4.60
CA ASN A 3 -45.04 23.70 -5.14
C ASN A 3 -44.16 23.06 -4.07
N PRO A 4 -44.00 21.74 -4.14
CA PRO A 4 -43.32 21.01 -3.05
C PRO A 4 -41.91 21.51 -2.75
N GLU A 5 -41.20 22.04 -3.75
CA GLU A 5 -39.78 22.36 -3.57
C GLU A 5 -39.55 23.24 -2.36
N HIS A 6 -40.47 24.16 -2.10
CA HIS A 6 -40.21 25.22 -1.14
C HIS A 6 -40.39 24.76 0.30
N TYR A 7 -41.39 23.92 0.57
CA TYR A 7 -41.73 23.58 1.94
C TYR A 7 -41.44 22.14 2.32
N ILE A 8 -40.92 21.31 1.42
CA ILE A 8 -40.67 19.91 1.71
C ILE A 8 -39.19 19.74 2.06
N LYS A 9 -38.91 19.02 3.14
CA LYS A 9 -37.54 18.65 3.44
C LYS A 9 -37.08 17.57 2.45
N HIS A 10 -35.78 17.56 2.18
CA HIS A 10 -35.22 16.67 1.17
C HIS A 10 -34.89 15.33 1.82
N PRO A 11 -35.62 14.27 1.52
CA PRO A 11 -35.41 12.99 2.18
C PRO A 11 -34.10 12.34 1.76
N LEU A 12 -33.49 11.66 2.72
CA LEU A 12 -32.33 10.82 2.46
C LEU A 12 -32.79 9.43 2.06
N GLN A 13 -31.90 8.72 1.38
CA GLN A 13 -32.19 7.34 1.03
C GLN A 13 -32.41 6.49 2.27
N ASN A 14 -31.55 6.63 3.28
CA ASN A 14 -31.70 5.91 4.53
C ASN A 14 -31.99 6.86 5.69
N ARG A 15 -32.60 6.31 6.73
CA ARG A 15 -32.55 6.91 8.07
C ARG A 15 -31.25 6.48 8.74
N TRP A 16 -30.64 7.40 9.46
CA TRP A 16 -29.33 7.24 10.08
C TRP A 16 -29.44 7.58 11.56
N ALA A 17 -28.58 6.95 12.37
CA ALA A 17 -28.51 7.28 13.79
C ALA A 17 -27.08 7.70 14.10
N LEU A 18 -26.96 8.80 14.83
CA LEU A 18 -25.68 9.29 15.31
C LEU A 18 -25.47 8.85 16.75
N TRP A 19 -24.34 8.21 17.03
CA TRP A 19 -24.00 7.66 18.33
C TRP A 19 -22.77 8.38 18.87
N PHE A 20 -22.65 8.43 20.20
CA PHE A 20 -21.48 9.01 20.86
C PHE A 20 -21.02 8.03 21.93
N PHE A 21 -19.70 7.98 22.13
CA PHE A 21 -19.12 7.10 23.14
C PHE A 21 -18.05 7.86 23.89
N LYS A 22 -18.05 7.73 25.21
CA LYS A 22 -16.98 8.28 26.04
C LYS A 22 -16.55 7.23 27.05
N ASN A 23 -15.23 7.13 27.27
CA ASN A 23 -14.65 6.11 28.13
C ASN A 23 -14.81 6.50 29.61
N ASP A 24 -15.98 6.18 30.17
CA ASP A 24 -16.28 6.27 31.60
C ASP A 24 -15.97 4.90 32.22
N LYS A 25 -14.90 4.82 33.01
CA LYS A 25 -14.50 3.53 33.59
C LYS A 25 -15.49 2.98 34.62
N SER A 26 -16.42 3.79 35.12
CA SER A 26 -17.39 3.26 36.07
C SER A 26 -18.53 2.47 35.40
N LYS A 27 -18.63 2.46 34.06
CA LYS A 27 -19.70 1.76 33.38
C LYS A 27 -19.20 0.65 32.44
N THR A 28 -20.09 -0.31 32.17
CA THR A 28 -19.84 -1.29 31.10
C THR A 28 -19.65 -0.56 29.76
N TRP A 29 -18.91 -1.22 28.86
CA TRP A 29 -18.71 -0.70 27.50
C TRP A 29 -20.05 -0.47 26.82
N GLN A 30 -20.93 -1.46 26.89
CA GLN A 30 -22.23 -1.34 26.25
C GLN A 30 -23.01 -0.16 26.80
N ALA A 31 -22.97 0.05 28.13
CA ALA A 31 -23.77 1.11 28.73
C ALA A 31 -23.19 2.50 28.55
N ASN A 32 -21.91 2.61 28.16
CA ASN A 32 -21.34 3.90 27.81
C ASN A 32 -21.70 4.32 26.39
N LEU A 33 -22.38 3.47 25.61
CA LEU A 33 -22.69 3.82 24.24
C LEU A 33 -24.06 4.48 24.19
N ARG A 34 -24.19 5.50 23.35
CA ARG A 34 -25.18 6.53 23.59
C ARG A 34 -25.74 7.03 22.26
N LEU A 35 -27.04 6.87 22.06
CA LEU A 35 -27.67 7.20 20.78
C LEU A 35 -28.08 8.68 20.82
N ILE A 36 -27.42 9.53 20.02
CA ILE A 36 -27.69 10.96 20.11
C ILE A 36 -29.04 11.27 19.47
N SER A 37 -29.20 10.91 18.20
CA SER A 37 -30.38 11.30 17.46
C SER A 37 -30.44 10.47 16.20
N LYS A 38 -31.63 10.31 15.67
CA LYS A 38 -31.83 9.79 14.32
C LYS A 38 -32.32 10.89 13.40
N PHE A 39 -32.04 10.75 12.10
CA PHE A 39 -32.51 11.73 11.12
C PHE A 39 -32.69 11.04 9.77
N ASP A 40 -33.52 11.64 8.92
CA ASP A 40 -33.64 11.06 7.59
C ASP A 40 -33.94 12.11 6.52
N THR A 41 -33.45 13.32 6.68
CA THR A 41 -33.52 14.35 5.66
C THR A 41 -32.22 15.13 5.70
N VAL A 42 -31.94 15.79 4.57
CA VAL A 42 -30.79 16.69 4.50
C VAL A 42 -30.84 17.74 5.60
N GLU A 43 -32.00 18.41 5.76
CA GLU A 43 -32.08 19.51 6.72
C GLU A 43 -31.86 19.02 8.15
N ASP A 44 -32.39 17.85 8.48
CA ASP A 44 -32.23 17.32 9.84
C ASP A 44 -30.80 16.88 10.11
N PHE A 45 -30.09 16.41 9.07
CA PHE A 45 -28.67 16.14 9.24
C PHE A 45 -27.90 17.39 9.64
N TRP A 46 -28.08 18.47 8.86
CA TRP A 46 -27.32 19.69 9.12
C TRP A 46 -27.68 20.31 10.47
N ALA A 47 -28.97 20.21 10.87
CA ALA A 47 -29.38 20.69 12.18
C ALA A 47 -28.63 19.96 13.28
N LEU A 48 -28.48 18.65 13.12
CA LEU A 48 -27.79 17.83 14.09
C LEU A 48 -26.30 18.13 14.06
N TYR A 49 -25.70 18.14 12.86
CA TYR A 49 -24.26 18.35 12.74
C TYR A 49 -23.85 19.70 13.30
N ASN A 50 -24.66 20.75 13.08
CA ASN A 50 -24.32 22.10 13.51
C ASN A 50 -24.48 22.30 15.01
N HIS A 51 -25.15 21.36 15.68
CA HIS A 51 -25.43 21.44 17.10
C HIS A 51 -24.35 20.80 17.97
N ILE A 52 -23.52 19.90 17.40
CA ILE A 52 -22.67 19.03 18.19
C ILE A 52 -21.20 19.43 18.00
N GLN A 53 -20.35 18.91 18.87
CA GLN A 53 -18.94 19.30 18.86
C GLN A 53 -18.23 18.70 17.65
N LEU A 54 -17.27 19.45 17.10
CA LEU A 54 -16.36 18.86 16.12
C LEU A 54 -15.56 17.74 16.77
N SER A 55 -15.25 16.70 15.99
CA SER A 55 -14.48 15.58 16.53
C SER A 55 -13.16 16.08 17.12
N SER A 56 -12.55 17.07 16.48
CA SER A 56 -11.28 17.61 16.96
C SER A 56 -11.40 18.28 18.31
N ASN A 57 -12.62 18.61 18.75
CA ASN A 57 -12.84 19.21 20.05
C ASN A 57 -13.23 18.18 21.11
N LEU A 58 -13.27 16.89 20.77
CA LEU A 58 -13.58 15.87 21.76
C LEU A 58 -12.31 15.48 22.52
N MET A 59 -12.44 15.24 23.81
CA MET A 59 -11.29 14.80 24.59
C MET A 59 -10.92 13.37 24.17
N PRO A 60 -9.65 13.00 24.30
CA PRO A 60 -9.25 11.65 23.89
C PRO A 60 -10.09 10.59 24.59
N GLY A 61 -10.40 9.51 23.87
CA GLY A 61 -11.22 8.46 24.43
C GLY A 61 -12.68 8.51 24.02
N CYS A 62 -13.08 9.51 23.26
CA CYS A 62 -14.44 9.62 22.75
C CYS A 62 -14.53 9.16 21.30
N ASP A 63 -15.76 8.80 20.90
CA ASP A 63 -16.06 8.42 19.54
C ASP A 63 -17.40 9.01 19.10
N TYR A 64 -17.50 9.32 17.80
CA TYR A 64 -18.78 9.44 17.13
C TYR A 64 -18.96 8.27 16.18
N SER A 65 -20.20 7.84 15.96
CA SER A 65 -20.42 6.97 14.83
C SER A 65 -21.76 7.29 14.18
N LEU A 66 -21.86 6.98 12.90
CA LEU A 66 -23.08 7.20 12.15
C LEU A 66 -23.42 5.87 11.51
N PHE A 67 -24.56 5.28 11.89
CA PHE A 67 -24.94 3.99 11.35
C PHE A 67 -26.37 4.02 10.82
N LYS A 68 -26.59 3.23 9.76
CA LYS A 68 -27.93 3.01 9.29
C LYS A 68 -28.80 2.56 10.45
N ASP A 69 -30.00 3.14 10.52
CA ASP A 69 -30.99 2.83 11.55
C ASP A 69 -31.21 1.32 11.64
N GLY A 70 -31.09 0.78 12.86
CA GLY A 70 -31.19 -0.63 13.12
C GLY A 70 -29.88 -1.40 13.14
N ILE A 71 -28.76 -0.74 12.82
CA ILE A 71 -27.44 -1.35 12.94
C ILE A 71 -26.73 -0.65 14.09
N GLU A 72 -26.46 -1.39 15.15
CA GLU A 72 -25.70 -0.86 16.26
C GLU A 72 -24.22 -0.75 15.87
N PRO A 73 -23.50 0.26 16.39
CA PRO A 73 -22.09 0.46 16.00
C PRO A 73 -21.15 -0.44 16.78
N MET A 74 -21.33 -1.74 16.65
CA MET A 74 -20.42 -2.68 17.27
C MET A 74 -20.35 -3.94 16.42
N TRP A 75 -19.22 -4.64 16.51
CA TRP A 75 -18.98 -5.82 15.69
C TRP A 75 -20.05 -6.88 15.89
N GLU A 76 -20.64 -6.93 17.08
CA GLU A 76 -21.56 -8.00 17.44
C GLU A 76 -22.86 -7.95 16.63
N ASP A 77 -23.19 -6.81 16.03
CA ASP A 77 -24.43 -6.68 15.26
C ASP A 77 -24.43 -7.60 14.04
N GLU A 78 -25.62 -8.15 13.76
CA GLU A 78 -25.79 -9.13 12.68
C GLU A 78 -25.25 -8.61 11.35
N LYS A 79 -25.41 -7.31 11.09
CA LYS A 79 -24.90 -6.73 9.85
C LYS A 79 -23.43 -6.32 9.93
N ASN A 80 -22.81 -6.41 11.10
CA ASN A 80 -21.37 -6.11 11.17
C ASN A 80 -20.46 -7.32 11.34
N LYS A 81 -20.93 -8.46 11.90
CA LYS A 81 -19.94 -9.42 12.36
C LYS A 81 -19.19 -10.12 11.23
N ARG A 82 -19.73 -10.18 10.00
CA ARG A 82 -18.99 -10.74 8.87
C ARG A 82 -18.35 -9.65 8.00
N GLY A 83 -18.38 -8.40 8.44
CA GLY A 83 -17.87 -7.32 7.65
C GLY A 83 -16.53 -6.82 8.14
N GLY A 84 -16.27 -5.56 7.86
CA GLY A 84 -14.99 -4.96 8.17
C GLY A 84 -15.01 -3.49 7.83
N ARG A 85 -13.82 -2.90 7.74
CA ARG A 85 -13.77 -1.44 7.67
C ARG A 85 -12.62 -1.00 6.77
N TRP A 86 -12.84 0.13 6.10
CA TRP A 86 -11.77 0.91 5.49
C TRP A 86 -11.24 1.89 6.53
N LEU A 87 -9.97 1.76 6.88
CA LEU A 87 -9.39 2.52 7.98
C LEU A 87 -8.58 3.72 7.48
N ILE A 88 -8.87 4.90 8.03
CA ILE A 88 -8.04 6.09 7.85
C ILE A 88 -7.31 6.32 9.17
N THR A 89 -5.99 6.33 9.16
CA THR A 89 -5.21 6.64 10.36
C THR A 89 -4.63 8.04 10.27
N LEU A 90 -4.75 8.80 11.36
CA LEU A 90 -4.31 10.19 11.41
C LEU A 90 -3.24 10.34 12.49
N ASN A 91 -2.16 11.04 12.16
CA ASN A 91 -1.17 11.33 13.19
C ASN A 91 -1.66 12.48 14.04
N LYS A 92 -0.93 12.75 15.10
CA LYS A 92 -1.31 13.78 16.01
C LYS A 92 -1.39 15.14 15.38
N GLN A 93 -0.69 15.39 14.29
CA GLN A 93 -0.74 16.68 13.60
C GLN A 93 -1.95 16.80 12.67
N GLN A 94 -2.55 15.67 12.25
CA GLN A 94 -3.72 15.70 11.38
C GLN A 94 -5.03 15.91 12.14
N ARG A 95 -5.05 15.74 13.46
CA ARG A 95 -6.22 16.18 14.21
C ARG A 95 -6.59 17.62 13.86
N ARG A 96 -5.59 18.47 13.67
CA ARG A 96 -5.87 19.86 13.34
C ARG A 96 -6.18 20.03 11.86
N SER A 97 -5.46 19.33 10.98
CA SER A 97 -5.58 19.67 9.57
C SER A 97 -6.68 18.90 8.85
N ASP A 98 -6.87 17.63 9.19
CA ASP A 98 -7.69 16.75 8.37
C ASP A 98 -8.88 16.14 9.11
N LEU A 99 -8.80 15.96 10.43
CA LEU A 99 -9.81 15.18 11.14
C LEU A 99 -11.23 15.63 10.82
N ASP A 100 -11.54 16.90 11.10
CA ASP A 100 -12.93 17.33 10.99
C ASP A 100 -13.39 17.31 9.55
N ARG A 101 -12.51 17.70 8.60
CA ARG A 101 -12.98 17.67 7.22
C ARG A 101 -13.07 16.24 6.70
N PHE A 102 -12.15 15.35 7.09
CA PHE A 102 -12.32 13.95 6.72
C PHE A 102 -13.62 13.37 7.30
N TRP A 103 -13.92 13.67 8.58
CA TRP A 103 -15.14 13.12 9.17
C TRP A 103 -16.38 13.65 8.47
N LEU A 104 -16.48 14.99 8.27
CA LEU A 104 -17.62 15.53 7.51
C LEU A 104 -17.76 14.87 6.15
N GLU A 105 -16.65 14.76 5.40
CA GLU A 105 -16.70 14.09 4.10
C GLU A 105 -17.21 12.65 4.24
N THR A 106 -16.79 11.97 5.29
CA THR A 106 -17.24 10.60 5.52
C THR A 106 -18.75 10.55 5.76
N LEU A 107 -19.25 11.46 6.61
CA LEU A 107 -20.68 11.54 6.84
C LEU A 107 -21.46 11.75 5.55
N LEU A 108 -20.97 12.64 4.69
CA LEU A 108 -21.67 12.94 3.43
C LEU A 108 -21.59 11.77 2.44
N CYS A 109 -20.45 11.08 2.39
CA CYS A 109 -20.40 9.86 1.58
C CYS A 109 -21.51 8.90 2.00
N LEU A 110 -21.74 8.76 3.31
CA LEU A 110 -22.79 7.90 3.83
C LEU A 110 -24.17 8.40 3.43
N ILE A 111 -24.55 9.61 3.87
CA ILE A 111 -25.93 10.08 3.66
C ILE A 111 -26.22 10.34 2.20
N GLY A 112 -25.22 10.75 1.44
CA GLY A 112 -25.39 10.93 0.02
C GLY A 112 -25.25 9.68 -0.81
N GLU A 113 -25.04 8.51 -0.18
CA GLU A 113 -25.01 7.22 -0.89
C GLU A 113 -24.02 7.26 -2.07
N SER A 114 -22.81 7.67 -1.79
CA SER A 114 -21.83 7.98 -2.83
C SER A 114 -21.13 6.76 -3.43
N PHE A 115 -21.50 5.55 -3.02
CA PHE A 115 -20.87 4.34 -3.52
C PHE A 115 -21.76 3.57 -4.52
N ASP A 116 -22.73 4.25 -5.12
CA ASP A 116 -23.51 3.74 -6.26
C ASP A 116 -24.24 2.47 -5.82
N ASP A 117 -24.19 1.38 -6.59
CA ASP A 117 -24.88 0.14 -6.24
C ASP A 117 -24.42 -0.39 -4.89
N TYR A 118 -23.16 -0.18 -4.57
CA TYR A 118 -22.59 -0.82 -3.40
C TYR A 118 -22.85 -0.06 -2.11
N SER A 119 -23.54 1.09 -2.18
CA SER A 119 -23.87 1.78 -0.94
C SER A 119 -24.69 0.91 -0.01
N ASP A 120 -25.42 -0.08 -0.55
CA ASP A 120 -26.16 -1.02 0.30
C ASP A 120 -25.25 -1.81 1.22
N ASP A 121 -23.98 -2.02 0.84
CA ASP A 121 -23.04 -2.71 1.70
C ASP A 121 -22.54 -1.87 2.86
N VAL A 122 -22.73 -0.55 2.83
CA VAL A 122 -22.26 0.32 3.91
C VAL A 122 -23.14 0.11 5.15
N CYS A 123 -22.50 0.00 6.31
CA CYS A 123 -23.25 -0.05 7.56
C CYS A 123 -23.21 1.29 8.31
N GLY A 124 -22.06 1.94 8.30
CA GLY A 124 -21.89 3.18 9.02
C GLY A 124 -20.43 3.57 9.00
N ALA A 125 -20.11 4.54 9.85
CA ALA A 125 -18.74 4.99 9.97
C ALA A 125 -18.50 5.39 11.42
N VAL A 126 -17.22 5.37 11.82
CA VAL A 126 -16.79 5.60 13.20
C VAL A 126 -15.58 6.54 13.18
N VAL A 127 -15.58 7.56 14.05
CA VAL A 127 -14.37 8.32 14.30
C VAL A 127 -13.94 8.11 15.74
N ASN A 128 -12.68 7.70 15.94
CA ASN A 128 -12.09 7.53 17.27
C ASN A 128 -11.11 8.65 17.52
N VAL A 129 -11.35 9.42 18.57
CA VAL A 129 -10.41 10.44 19.03
C VAL A 129 -9.56 9.82 20.12
N ARG A 130 -8.26 9.72 19.87
CA ARG A 130 -7.33 9.03 20.75
C ARG A 130 -6.06 9.85 20.89
N ALA A 131 -5.43 9.74 22.06
CA ALA A 131 -4.22 10.51 22.32
C ALA A 131 -3.08 10.06 21.40
N LYS A 132 -2.96 8.76 21.13
CA LYS A 132 -1.91 8.27 20.24
C LYS A 132 -2.22 8.50 18.76
N GLY A 133 -3.42 8.94 18.42
CA GLY A 133 -3.73 9.17 17.03
C GLY A 133 -5.17 8.85 16.67
N ASP A 134 -5.80 9.73 15.92
CA ASP A 134 -7.21 9.55 15.61
C ASP A 134 -7.39 8.60 14.43
N LYS A 135 -8.61 8.12 14.27
CA LYS A 135 -8.92 7.19 13.21
C LYS A 135 -10.33 7.46 12.71
N ILE A 136 -10.53 7.28 11.41
CA ILE A 136 -11.85 7.26 10.78
C ILE A 136 -11.97 5.98 9.98
N ALA A 137 -13.16 5.34 10.02
CA ALA A 137 -13.38 4.10 9.30
C ALA A 137 -14.81 4.07 8.74
N ILE A 138 -14.97 3.60 7.50
CA ILE A 138 -16.28 3.17 7.01
C ILE A 138 -16.42 1.66 7.21
N TRP A 139 -17.51 1.25 7.86
CA TRP A 139 -17.82 -0.15 8.09
C TRP A 139 -18.79 -0.65 7.01
N THR A 140 -18.48 -1.82 6.44
CA THR A 140 -19.30 -2.50 5.46
C THR A 140 -19.61 -3.90 5.97
N THR A 141 -20.57 -4.52 5.33
CA THR A 141 -21.28 -5.60 5.96
C THR A 141 -20.72 -6.98 5.65
N GLU A 142 -19.81 -7.09 4.67
CA GLU A 142 -19.35 -8.40 4.22
C GLU A 142 -17.94 -8.23 3.67
N CYS A 143 -16.93 -8.62 4.47
CA CYS A 143 -15.54 -8.45 4.11
C CYS A 143 -15.11 -9.33 2.92
N GLU A 144 -15.91 -10.31 2.52
CA GLU A 144 -15.61 -11.12 1.34
C GLU A 144 -16.16 -10.52 0.04
N ASN A 145 -16.90 -9.42 0.10
CA ASN A 145 -17.51 -8.83 -1.09
C ASN A 145 -16.45 -7.98 -1.80
N ARG A 146 -15.60 -8.68 -2.57
CA ARG A 146 -14.43 -8.05 -3.19
C ARG A 146 -14.82 -6.84 -4.03
N ASP A 147 -15.83 -6.97 -4.88
CA ASP A 147 -16.21 -5.87 -5.77
C ASP A 147 -16.78 -4.69 -4.98
N ALA A 148 -17.72 -4.94 -4.07
CA ALA A 148 -18.28 -3.87 -3.25
C ALA A 148 -17.18 -3.19 -2.42
N VAL A 149 -16.40 -3.98 -1.69
CA VAL A 149 -15.44 -3.42 -0.74
C VAL A 149 -14.40 -2.56 -1.46
N THR A 150 -13.87 -3.06 -2.59
CA THR A 150 -12.85 -2.33 -3.32
C THR A 150 -13.41 -1.09 -4.01
N HIS A 151 -14.67 -1.14 -4.48
CA HIS A 151 -15.27 0.06 -5.04
C HIS A 151 -15.49 1.11 -3.95
N ILE A 152 -16.01 0.70 -2.80
CA ILE A 152 -16.16 1.63 -1.68
C ILE A 152 -14.81 2.24 -1.33
N GLY A 153 -13.76 1.43 -1.27
CA GLY A 153 -12.45 1.94 -0.91
C GLY A 153 -11.90 2.92 -1.94
N ARG A 154 -12.13 2.66 -3.22
CA ARG A 154 -11.58 3.53 -4.27
C ARG A 154 -12.29 4.87 -4.27
N VAL A 155 -13.62 4.86 -4.22
CA VAL A 155 -14.40 6.09 -4.18
C VAL A 155 -14.06 6.89 -2.93
N TYR A 156 -14.09 6.21 -1.77
CA TYR A 156 -13.80 6.88 -0.49
C TYR A 156 -12.47 7.61 -0.56
N LYS A 157 -11.42 6.92 -0.99
CA LYS A 157 -10.09 7.51 -1.03
C LYS A 157 -10.06 8.75 -1.89
N GLU A 158 -10.73 8.72 -3.05
CA GLU A 158 -10.79 9.90 -3.90
C GLU A 158 -11.62 11.01 -3.25
N ARG A 159 -12.71 10.64 -2.57
CA ARG A 159 -13.54 11.63 -1.89
C ARG A 159 -12.76 12.37 -0.81
N LEU A 160 -11.90 11.67 -0.09
CA LEU A 160 -11.09 12.35 0.91
C LEU A 160 -9.98 13.18 0.29
N GLY A 161 -9.78 13.08 -1.02
CA GLY A 161 -8.65 13.70 -1.69
C GLY A 161 -7.31 13.14 -1.29
N LEU A 162 -7.26 11.90 -0.83
CA LEU A 162 -5.99 11.32 -0.44
C LEU A 162 -5.11 11.13 -1.67
N PRO A 163 -3.80 11.32 -1.53
CA PRO A 163 -2.92 11.23 -2.71
C PRO A 163 -2.72 9.79 -3.15
N PRO A 164 -2.45 9.57 -4.45
CA PRO A 164 -2.29 8.20 -4.97
C PRO A 164 -1.00 7.51 -4.54
N LYS A 165 -0.11 8.20 -3.83
CA LYS A 165 1.03 7.55 -3.20
C LYS A 165 0.70 6.98 -1.83
N ILE A 166 -0.43 7.36 -1.26
CA ILE A 166 -0.92 6.86 0.01
C ILE A 166 -1.76 5.62 -0.28
N VAL A 167 -1.71 4.64 0.60
CA VAL A 167 -2.59 3.49 0.53
C VAL A 167 -3.45 3.50 1.78
N ILE A 168 -4.71 3.13 1.63
CA ILE A 168 -5.55 2.81 2.75
C ILE A 168 -5.85 1.31 2.74
N GLY A 169 -6.17 0.78 3.92
CA GLY A 169 -6.35 -0.64 4.08
C GLY A 169 -7.74 -1.01 4.58
N TYR A 170 -8.16 -2.23 4.28
CA TYR A 170 -9.45 -2.77 4.69
C TYR A 170 -9.21 -4.02 5.54
N GLN A 171 -9.73 -4.01 6.76
CA GLN A 171 -9.55 -5.10 7.71
C GLN A 171 -10.91 -5.68 8.06
N SER A 172 -11.01 -7.01 8.11
CA SER A 172 -12.23 -7.62 8.63
C SER A 172 -12.33 -7.37 10.14
N HIS A 173 -13.56 -7.20 10.63
CA HIS A 173 -13.77 -7.10 12.07
C HIS A 173 -13.27 -8.35 12.78
N ALA A 174 -13.61 -9.53 12.26
CA ALA A 174 -13.19 -10.77 12.92
C ALA A 174 -11.68 -10.83 13.09
N ASP A 175 -10.93 -10.35 12.09
CA ASP A 175 -9.48 -10.29 12.23
C ASP A 175 -9.06 -9.21 13.20
N THR A 176 -9.72 -8.04 13.15
CA THR A 176 -9.40 -6.96 14.08
C THR A 176 -9.57 -7.39 15.52
N ALA A 177 -10.52 -8.29 15.81
CA ALA A 177 -10.87 -8.59 17.19
C ALA A 177 -9.77 -9.35 17.91
N THR A 178 -8.96 -10.12 17.19
CA THR A 178 -7.89 -10.90 17.82
C THR A 178 -6.56 -10.13 17.76
N LYS A 185 -3.53 -6.68 9.99
CA LYS A 185 -3.68 -7.50 8.79
C LYS A 185 -4.73 -6.91 7.86
N ASN A 186 -4.38 -6.70 6.60
CA ASN A 186 -5.25 -6.09 5.61
C ASN A 186 -5.79 -7.14 4.65
N ARG A 187 -7.10 -7.13 4.42
CA ARG A 187 -7.67 -7.94 3.37
C ARG A 187 -7.57 -7.26 2.01
N PHE A 188 -7.68 -5.93 1.95
CA PHE A 188 -7.52 -5.19 0.70
C PHE A 188 -6.77 -3.89 0.97
N VAL A 189 -6.12 -3.36 -0.06
CA VAL A 189 -5.52 -2.04 -0.06
C VAL A 189 -5.91 -1.30 -1.33
N VAL A 190 -6.06 0.01 -1.23
CA VAL A 190 -6.56 0.79 -2.35
C VAL A 190 -5.91 2.17 -2.37
N ASN B 3 -2.36 -27.56 -43.00
CA ASN B 3 -2.66 -27.01 -41.68
C ASN B 3 -1.46 -26.26 -41.14
N PRO B 4 -1.59 -24.93 -41.04
CA PRO B 4 -0.43 -24.12 -40.64
C PRO B 4 0.11 -24.43 -39.24
N GLU B 5 -0.76 -24.83 -38.31
CA GLU B 5 -0.38 -24.85 -36.90
C GLU B 5 0.90 -25.65 -36.65
N HIS B 6 1.07 -26.78 -37.36
CA HIS B 6 2.12 -27.71 -36.95
C HIS B 6 3.50 -27.36 -37.48
N TYR B 7 3.63 -26.43 -38.43
CA TYR B 7 4.96 -26.01 -38.84
C TYR B 7 5.22 -24.51 -38.68
N ILE B 8 4.26 -23.73 -38.21
CA ILE B 8 4.41 -22.28 -38.10
C ILE B 8 4.82 -21.98 -36.66
N LYS B 9 5.85 -21.16 -36.48
CA LYS B 9 6.14 -20.67 -35.14
C LYS B 9 5.04 -19.69 -34.74
N HIS B 10 4.75 -19.61 -33.44
CA HIS B 10 3.65 -18.77 -32.99
C HIS B 10 4.18 -17.35 -32.75
N PRO B 11 3.75 -16.37 -33.54
CA PRO B 11 4.35 -15.03 -33.43
C PRO B 11 3.87 -14.26 -32.20
N LEU B 12 4.78 -13.46 -31.65
CA LEU B 12 4.43 -12.54 -30.58
C LEU B 12 3.93 -11.23 -31.18
N GLN B 13 3.18 -10.47 -30.38
CA GLN B 13 2.73 -9.15 -30.82
C GLN B 13 3.90 -8.23 -31.11
N ASN B 14 4.90 -8.23 -30.24
CA ASN B 14 6.10 -7.43 -30.39
C ASN B 14 7.33 -8.31 -30.54
N ARG B 15 8.34 -7.72 -31.18
CA ARG B 15 9.69 -8.24 -31.15
C ARG B 15 10.36 -7.66 -29.92
N TRP B 16 11.16 -8.48 -29.26
CA TRP B 16 11.73 -8.21 -27.95
C TRP B 16 13.24 -8.41 -28.01
N ALA B 17 13.95 -7.71 -27.14
CA ALA B 17 15.40 -7.83 -27.05
C ALA B 17 15.78 -8.14 -25.61
N LEU B 18 16.57 -9.18 -25.41
CA LEU B 18 17.05 -9.51 -24.08
C LEU B 18 18.47 -8.96 -23.90
N TRP B 19 18.68 -8.25 -22.79
CA TRP B 19 19.96 -7.62 -22.46
C TRP B 19 20.53 -8.20 -21.18
N PHE B 20 21.86 -8.13 -21.07
CA PHE B 20 22.60 -8.51 -19.87
C PHE B 20 23.57 -7.40 -19.55
N PHE B 21 23.75 -7.13 -18.26
CA PHE B 21 24.69 -6.13 -17.80
C PHE B 21 25.49 -6.71 -16.66
N LYS B 22 26.79 -6.44 -16.62
CA LYS B 22 27.59 -6.78 -15.44
C LYS B 22 28.43 -5.57 -15.10
N ASN B 23 28.36 -5.14 -13.83
CA ASN B 23 29.06 -3.92 -13.41
C ASN B 23 30.53 -4.23 -13.11
N ASP B 24 31.26 -4.49 -14.19
CA ASP B 24 32.72 -4.57 -14.14
C ASP B 24 33.33 -3.17 -14.36
N LYS B 25 34.06 -2.67 -13.35
CA LYS B 25 34.40 -1.25 -13.24
C LYS B 25 35.34 -0.72 -14.33
N SER B 26 35.85 -1.55 -15.24
CA SER B 26 36.80 -1.04 -16.22
C SER B 26 36.15 -0.33 -17.41
N LYS B 27 34.84 -0.48 -17.64
CA LYS B 27 34.22 0.09 -18.83
C LYS B 27 33.17 1.14 -18.45
N THR B 28 32.83 1.99 -19.41
CA THR B 28 31.72 2.92 -19.24
C THR B 28 30.43 2.15 -18.94
N TRP B 29 29.48 2.82 -18.27
CA TRP B 29 28.18 2.21 -18.01
C TRP B 29 27.50 1.85 -19.32
N GLN B 30 27.55 2.77 -20.30
CA GLN B 30 26.87 2.52 -21.56
C GLN B 30 27.50 1.38 -22.33
N ALA B 31 28.79 1.10 -22.09
CA ALA B 31 29.50 0.05 -22.81
C ALA B 31 29.48 -1.31 -22.10
N ASN B 32 29.12 -1.37 -20.82
CA ASN B 32 29.01 -2.66 -20.12
C ASN B 32 27.81 -3.46 -20.60
N LEU B 33 26.90 -2.80 -21.31
CA LEU B 33 25.60 -3.36 -21.66
C LEU B 33 25.74 -4.29 -22.87
N ARG B 34 24.97 -5.36 -22.86
CA ARG B 34 25.15 -6.42 -23.84
C ARG B 34 23.80 -6.86 -24.40
N LEU B 35 23.64 -6.84 -25.71
CA LEU B 35 22.41 -7.33 -26.33
C LEU B 35 22.60 -8.82 -26.61
N ILE B 36 21.84 -9.66 -25.91
CA ILE B 36 21.98 -11.11 -26.04
C ILE B 36 21.38 -11.59 -27.35
N SER B 37 20.15 -11.16 -27.62
CA SER B 37 19.39 -11.71 -28.73
C SER B 37 18.05 -11.01 -28.81
N LYS B 38 17.52 -10.88 -30.02
CA LYS B 38 16.15 -10.48 -30.25
C LYS B 38 15.33 -11.70 -30.64
N PHE B 39 14.03 -11.66 -30.36
CA PHE B 39 13.13 -12.75 -30.71
C PHE B 39 11.73 -12.19 -30.91
N ASP B 40 10.91 -12.89 -31.71
CA ASP B 40 9.52 -12.46 -31.90
C ASP B 40 8.55 -13.65 -32.06
N THR B 41 8.89 -14.81 -31.50
CA THR B 41 7.98 -15.93 -31.42
C THR B 41 8.07 -16.57 -30.04
N VAL B 42 7.00 -17.28 -29.71
CA VAL B 42 6.98 -18.09 -28.49
C VAL B 42 8.16 -19.07 -28.48
N GLU B 43 8.34 -19.81 -29.58
CA GLU B 43 9.40 -20.81 -29.62
C GLU B 43 10.78 -20.18 -29.43
N ASP B 44 11.01 -19.03 -30.04
CA ASP B 44 12.32 -18.40 -29.92
C ASP B 44 12.54 -17.80 -28.53
N PHE B 45 11.47 -17.35 -27.87
CA PHE B 45 11.65 -16.93 -26.48
C PHE B 45 12.15 -18.09 -25.63
N TRP B 46 11.47 -19.24 -25.72
CA TRP B 46 11.79 -20.37 -24.85
C TRP B 46 13.17 -20.96 -25.16
N ALA B 47 13.56 -20.98 -26.43
CA ALA B 47 14.93 -21.37 -26.80
C ALA B 47 15.95 -20.49 -26.10
N LEU B 48 15.72 -19.18 -26.13
CA LEU B 48 16.61 -18.25 -25.46
C LEU B 48 16.60 -18.44 -23.94
N TYR B 49 15.40 -18.50 -23.34
CA TYR B 49 15.29 -18.61 -21.88
C TYR B 49 15.98 -19.89 -21.36
N ASN B 50 15.78 -21.01 -22.05
CA ASN B 50 16.34 -22.26 -21.56
C ASN B 50 17.85 -22.34 -21.75
N HIS B 51 18.43 -21.39 -22.47
CA HIS B 51 19.85 -21.37 -22.78
C HIS B 51 20.66 -20.53 -21.78
N ILE B 52 20.00 -19.66 -21.01
CA ILE B 52 20.69 -18.67 -20.19
C ILE B 52 20.50 -18.95 -18.72
N GLN B 53 21.41 -18.40 -17.94
CA GLN B 53 21.43 -18.57 -16.49
C GLN B 53 20.17 -17.99 -15.86
N LEU B 54 19.60 -18.75 -14.90
CA LEU B 54 18.61 -18.19 -13.98
C LEU B 54 19.18 -16.97 -13.25
N SER B 55 18.32 -15.96 -13.06
CA SER B 55 18.75 -14.77 -12.33
C SER B 55 19.32 -15.13 -10.97
N SER B 56 18.80 -16.19 -10.33
CA SER B 56 19.33 -16.53 -9.01
C SER B 56 20.74 -17.09 -9.06
N ASN B 57 21.22 -17.49 -10.23
CA ASN B 57 22.59 -17.99 -10.35
C ASN B 57 23.56 -16.91 -10.81
N LEU B 58 23.08 -15.70 -11.08
CA LEU B 58 23.97 -14.61 -11.49
C LEU B 58 24.71 -14.05 -10.27
N MET B 59 25.92 -13.57 -10.51
CA MET B 59 26.64 -13.02 -9.37
C MET B 59 26.16 -11.60 -9.10
N PRO B 60 26.26 -11.13 -7.86
CA PRO B 60 25.79 -9.78 -7.55
C PRO B 60 26.45 -8.74 -8.46
N GLY B 61 25.68 -7.71 -8.83
CA GLY B 61 26.16 -6.72 -9.77
C GLY B 61 25.73 -6.95 -11.21
N CYS B 62 24.96 -7.98 -11.49
CA CYS B 62 24.51 -8.29 -12.84
C CYS B 62 23.04 -7.97 -13.00
N ASP B 63 22.60 -7.83 -14.26
CA ASP B 63 21.21 -7.55 -14.55
C ASP B 63 20.80 -8.25 -15.83
N TYR B 64 19.54 -8.65 -15.92
CA TYR B 64 18.86 -8.94 -17.19
C TYR B 64 17.87 -7.84 -17.48
N SER B 65 17.61 -7.59 -18.77
CA SER B 65 16.43 -6.79 -19.06
C SER B 65 15.84 -7.25 -20.38
N LEU B 66 14.53 -7.07 -20.51
CA LEU B 66 13.80 -7.44 -21.72
C LEU B 66 13.07 -6.19 -22.14
N PHE B 67 13.40 -5.65 -23.30
CA PHE B 67 12.73 -4.44 -23.77
C PHE B 67 12.19 -4.63 -25.17
N LYS B 68 11.15 -3.85 -25.48
CA LYS B 68 10.64 -3.87 -26.84
C LYS B 68 11.74 -3.42 -27.79
N ASP B 69 11.84 -4.08 -28.93
CA ASP B 69 12.90 -3.77 -29.88
C ASP B 69 12.80 -2.30 -30.30
N GLY B 70 13.96 -1.62 -30.27
CA GLY B 70 13.97 -0.20 -30.50
C GLY B 70 13.97 0.63 -29.25
N ILE B 71 13.77 0.04 -28.08
CA ILE B 71 13.88 0.76 -26.82
C ILE B 71 15.07 0.21 -26.06
N GLU B 72 16.02 1.08 -25.79
CA GLU B 72 17.16 0.64 -25.02
C GLU B 72 16.82 0.65 -23.53
N PRO B 73 17.41 -0.26 -22.76
CA PRO B 73 17.09 -0.37 -21.33
C PRO B 73 17.76 0.69 -20.48
N MET B 74 17.57 1.95 -20.85
CA MET B 74 18.09 3.04 -20.04
C MET B 74 17.13 4.21 -20.00
N TRP B 75 17.17 4.93 -18.88
CA TRP B 75 16.32 6.11 -18.70
C TRP B 75 16.45 7.10 -19.84
N GLU B 76 17.64 7.19 -20.44
CA GLU B 76 17.89 8.20 -21.44
C GLU B 76 17.12 7.96 -22.73
N ASP B 77 16.63 6.74 -22.96
CA ASP B 77 15.90 6.44 -24.19
C ASP B 77 14.64 7.30 -24.29
N GLU B 78 14.31 7.67 -25.53
CA GLU B 78 13.14 8.48 -25.85
C GLU B 78 11.88 7.98 -25.16
N LYS B 79 11.67 6.66 -25.16
CA LYS B 79 10.47 6.05 -24.59
C LYS B 79 10.60 5.78 -23.10
N ASN B 80 11.75 6.04 -22.49
CA ASN B 80 11.87 5.88 -21.05
C ASN B 80 11.98 7.20 -20.27
N LYS B 81 12.37 8.31 -20.91
CA LYS B 81 12.78 9.48 -20.12
C LYS B 81 11.62 10.12 -19.36
N ARG B 82 10.39 10.01 -19.86
CA ARG B 82 9.22 10.49 -19.09
C ARG B 82 8.50 9.36 -18.38
N GLY B 83 9.07 8.17 -18.34
CA GLY B 83 8.39 7.04 -17.75
C GLY B 83 8.82 6.74 -16.32
N GLY B 84 8.51 5.52 -15.90
CA GLY B 84 8.83 5.07 -14.56
C GLY B 84 8.65 3.56 -14.46
N ARG B 85 8.63 3.06 -13.23
CA ARG B 85 8.69 1.61 -13.08
C ARG B 85 7.92 1.17 -11.84
N TRP B 86 7.26 0.02 -11.99
CA TRP B 86 6.68 -0.70 -10.86
C TRP B 86 7.77 -1.57 -10.27
N LEU B 87 8.10 -1.36 -9.00
CA LEU B 87 9.26 -1.99 -8.37
C LEU B 87 8.85 -3.14 -7.46
N ILE B 88 9.48 -4.30 -7.65
CA ILE B 88 9.37 -5.44 -6.75
C ILE B 88 10.70 -5.55 -6.01
N THR B 89 10.69 -5.45 -4.70
CA THR B 89 11.92 -5.58 -3.91
C THR B 89 11.93 -6.93 -3.23
N LEU B 90 13.06 -7.62 -3.29
CA LEU B 90 13.15 -8.95 -2.72
C LEU B 90 14.23 -8.95 -1.63
N ASN B 91 13.90 -9.54 -0.48
CA ASN B 91 14.95 -9.67 0.52
C ASN B 91 15.90 -10.78 0.11
N LYS B 92 16.96 -10.88 0.86
CA LYS B 92 17.99 -11.78 0.52
C LYS B 92 17.51 -13.20 0.59
N GLN B 93 16.41 -13.49 1.29
CA GLN B 93 15.85 -14.84 1.36
CA GLN B 93 15.85 -14.84 1.35
C GLN B 93 14.99 -15.17 0.14
N GLN B 94 14.40 -14.14 -0.49
CA GLN B 94 13.56 -14.35 -1.68
C GLN B 94 14.37 -14.62 -2.94
N ARG B 95 15.69 -14.44 -2.93
CA ARG B 95 16.47 -14.89 -4.08
C ARG B 95 16.25 -16.38 -4.31
N ARG B 96 16.17 -17.14 -3.21
CA ARG B 96 15.89 -18.58 -3.29
C ARG B 96 14.44 -18.85 -3.66
N SER B 97 13.49 -18.16 -3.01
CA SER B 97 12.08 -18.56 -3.11
C SER B 97 11.33 -17.93 -4.28
N ASP B 98 11.63 -16.69 -4.67
CA ASP B 98 10.71 -15.97 -5.54
C ASP B 98 11.36 -15.35 -6.78
N LEU B 99 12.64 -14.97 -6.67
CA LEU B 99 13.31 -14.22 -7.73
C LEU B 99 13.07 -14.82 -9.11
N ASP B 100 13.45 -16.10 -9.28
CA ASP B 100 13.35 -16.72 -10.60
C ASP B 100 11.89 -16.84 -11.04
N ARG B 101 10.98 -17.25 -10.15
CA ARG B 101 9.61 -17.40 -10.65
C ARG B 101 8.95 -16.04 -10.90
N PHE B 102 9.26 -15.02 -10.09
CA PHE B 102 8.78 -13.66 -10.39
C PHE B 102 9.35 -13.12 -11.71
N TRP B 103 10.65 -13.35 -11.98
CA TRP B 103 11.22 -12.84 -13.23
C TRP B 103 10.56 -13.50 -14.44
N LEU B 104 10.42 -14.83 -14.42
CA LEU B 104 9.77 -15.51 -15.54
C LEU B 104 8.33 -15.04 -15.74
N GLU B 105 7.60 -14.85 -14.64
CA GLU B 105 6.24 -14.32 -14.74
C GLU B 105 6.24 -12.92 -15.34
N THR B 106 7.23 -12.10 -14.96
CA THR B 106 7.37 -10.76 -15.56
C THR B 106 7.64 -10.85 -17.06
N LEU B 107 8.58 -11.71 -17.45
CA LEU B 107 8.84 -11.93 -18.87
C LEU B 107 7.58 -12.31 -19.63
N LEU B 108 6.78 -13.21 -19.04
CA LEU B 108 5.54 -13.67 -19.70
C LEU B 108 4.44 -12.60 -19.73
N CYS B 109 4.31 -11.80 -18.66
CA CYS B 109 3.39 -10.67 -18.73
C CYS B 109 3.74 -9.76 -19.89
N LEU B 110 5.04 -9.54 -20.11
CA LEU B 110 5.49 -8.70 -21.22
C LEU B 110 5.15 -9.31 -22.58
N ILE B 111 5.72 -10.50 -22.88
CA ILE B 111 5.55 -11.07 -24.23
C ILE B 111 4.13 -11.54 -24.48
N GLY B 112 3.40 -11.93 -23.44
CA GLY B 112 2.01 -12.25 -23.62
C GLY B 112 1.05 -11.08 -23.62
N GLU B 113 1.57 -9.84 -23.52
CA GLU B 113 0.75 -8.63 -23.60
C GLU B 113 -0.40 -8.68 -22.61
N SER B 114 -0.07 -8.93 -21.34
CA SER B 114 -1.09 -9.24 -20.34
C SER B 114 -1.75 -8.00 -19.73
N PHE B 115 -1.50 -6.81 -20.27
CA PHE B 115 -2.00 -5.59 -19.67
C PHE B 115 -3.10 -4.92 -20.51
N ASP B 116 -3.81 -5.72 -21.33
CA ASP B 116 -5.03 -5.32 -22.05
C ASP B 116 -4.69 -4.11 -22.93
N ASP B 117 -5.49 -3.04 -22.90
CA ASP B 117 -5.29 -1.84 -23.70
C ASP B 117 -4.04 -1.08 -23.31
N TYR B 118 -3.43 -1.41 -22.18
CA TYR B 118 -2.31 -0.62 -21.70
C TYR B 118 -0.97 -1.32 -21.91
N SER B 119 -0.94 -2.50 -22.55
CA SER B 119 0.34 -3.13 -22.86
C SER B 119 1.21 -2.24 -23.73
N ASP B 120 0.61 -1.29 -24.46
CA ASP B 120 1.37 -0.36 -25.27
C ASP B 120 2.18 0.64 -24.44
N ASP B 121 1.81 0.89 -23.19
CA ASP B 121 2.61 1.71 -22.31
C ASP B 121 3.83 0.99 -21.76
N VAL B 122 3.85 -0.35 -21.81
CA VAL B 122 5.00 -1.10 -21.35
C VAL B 122 6.18 -0.89 -22.29
N CYS B 123 7.35 -0.60 -21.72
CA CYS B 123 8.60 -0.58 -22.48
C CYS B 123 9.43 -1.85 -22.28
N GLY B 124 9.52 -2.35 -21.06
CA GLY B 124 10.40 -3.45 -20.80
C GLY B 124 10.38 -3.79 -19.32
N ALA B 125 11.26 -4.71 -18.93
CA ALA B 125 11.43 -5.05 -17.53
C ALA B 125 12.91 -5.28 -17.25
N VAL B 126 13.30 -5.11 -15.99
CA VAL B 126 14.68 -5.24 -15.54
C VAL B 126 14.71 -6.10 -14.27
N VAL B 127 15.67 -7.01 -14.15
CA VAL B 127 15.96 -7.62 -12.85
C VAL B 127 17.37 -7.23 -12.43
N ASN B 128 17.52 -6.69 -11.22
CA ASN B 128 18.84 -6.39 -10.67
C ASN B 128 19.19 -7.43 -9.60
N VAL B 129 20.30 -8.12 -9.79
CA VAL B 129 20.82 -9.02 -8.78
C VAL B 129 21.84 -8.25 -7.95
N ARG B 130 21.56 -8.07 -6.66
CA ARG B 130 22.43 -7.28 -5.80
C ARG B 130 22.65 -7.96 -4.45
N ALA B 131 23.86 -7.79 -3.90
CA ALA B 131 24.19 -8.36 -2.60
C ALA B 131 23.17 -7.96 -1.55
N LYS B 132 22.80 -6.67 -1.53
CA LYS B 132 21.91 -6.13 -0.51
C LYS B 132 20.44 -6.29 -0.83
N GLY B 133 20.10 -7.05 -1.87
CA GLY B 133 18.70 -7.27 -2.17
C GLY B 133 18.39 -7.16 -3.65
N ASP B 134 17.80 -8.21 -4.21
CA ASP B 134 17.45 -8.19 -5.63
C ASP B 134 16.19 -7.37 -5.85
N LYS B 135 15.99 -6.93 -7.10
CA LYS B 135 14.83 -6.14 -7.49
C LYS B 135 14.39 -6.52 -8.89
N ILE B 136 13.08 -6.42 -9.14
CA ILE B 136 12.48 -6.61 -10.44
C ILE B 136 11.53 -5.44 -10.69
N ALA B 137 11.48 -4.96 -11.93
CA ALA B 137 10.71 -3.76 -12.25
C ALA B 137 10.17 -3.87 -13.66
N ILE B 138 8.90 -3.50 -13.83
CA ILE B 138 8.34 -3.25 -15.16
C ILE B 138 8.41 -1.74 -15.45
N TRP B 139 9.07 -1.40 -16.55
CA TRP B 139 9.22 -0.02 -17.01
C TRP B 139 8.10 0.35 -17.97
N THR B 140 7.48 1.52 -17.75
CA THR B 140 6.45 2.04 -18.62
C THR B 140 6.81 3.45 -19.06
N THR B 141 6.13 3.91 -20.13
CA THR B 141 6.65 5.00 -20.94
C THR B 141 6.28 6.38 -20.41
N GLU B 142 5.21 6.52 -19.62
CA GLU B 142 4.66 7.84 -19.27
C GLU B 142 4.19 7.77 -17.81
N CYS B 143 5.00 8.34 -16.92
CA CYS B 143 4.71 8.28 -15.49
C CYS B 143 3.52 9.12 -15.09
N GLU B 144 3.03 9.99 -15.98
CA GLU B 144 1.85 10.81 -15.74
C GLU B 144 0.55 10.12 -16.12
N ASN B 145 0.58 8.97 -16.80
CA ASN B 145 -0.66 8.34 -17.24
C ASN B 145 -1.19 7.48 -16.12
N ARG B 146 -1.98 8.11 -15.22
CA ARG B 146 -2.45 7.44 -14.02
C ARG B 146 -3.25 6.19 -14.34
N ASP B 147 -4.14 6.27 -15.34
CA ASP B 147 -4.95 5.11 -15.71
C ASP B 147 -4.07 3.96 -16.17
N ALA B 148 -3.18 4.23 -17.12
CA ALA B 148 -2.32 3.18 -17.67
C ALA B 148 -1.46 2.56 -16.58
N VAL B 149 -0.75 3.41 -15.83
CA VAL B 149 0.25 2.93 -14.88
C VAL B 149 -0.40 2.08 -13.80
N THR B 150 -1.52 2.55 -13.26
CA THR B 150 -2.11 1.84 -12.13
C THR B 150 -2.80 0.55 -12.57
N HIS B 151 -3.40 0.50 -13.76
CA HIS B 151 -3.91 -0.78 -14.25
C HIS B 151 -2.79 -1.81 -14.44
N ILE B 152 -1.64 -1.40 -14.98
CA ILE B 152 -0.50 -2.30 -15.09
C ILE B 152 -0.06 -2.80 -13.71
N GLY B 153 -0.09 -1.91 -12.71
CA GLY B 153 0.36 -2.32 -11.39
C GLY B 153 -0.51 -3.40 -10.78
N ARG B 154 -1.84 -3.27 -10.92
CA ARG B 154 -2.75 -4.20 -10.26
C ARG B 154 -2.73 -5.56 -10.95
N VAL B 155 -2.71 -5.56 -12.29
CA VAL B 155 -2.57 -6.81 -13.02
C VAL B 155 -1.25 -7.48 -12.65
N TYR B 156 -0.17 -6.72 -12.71
CA TYR B 156 1.15 -7.25 -12.38
C TYR B 156 1.16 -7.86 -10.99
N LYS B 157 0.63 -7.13 -10.00
CA LYS B 157 0.61 -7.61 -8.61
C LYS B 157 -0.15 -8.93 -8.46
N GLU B 158 -1.27 -9.07 -9.19
CA GLU B 158 -2.03 -10.32 -9.15
C GLU B 158 -1.32 -11.44 -9.91
N ARG B 159 -0.65 -11.12 -11.00
CA ARG B 159 0.06 -12.16 -11.74
C ARG B 159 1.20 -12.72 -10.90
N LEU B 160 1.88 -11.85 -10.15
CA LEU B 160 2.92 -12.31 -9.23
C LEU B 160 2.37 -13.11 -8.07
N GLY B 161 1.05 -13.07 -7.86
CA GLY B 161 0.45 -13.71 -6.72
C GLY B 161 0.72 -13.04 -5.40
N LEU B 162 1.00 -11.74 -5.41
CA LEU B 162 1.31 -11.04 -4.17
C LEU B 162 0.03 -10.83 -3.36
N PRO B 163 0.07 -11.05 -2.06
CA PRO B 163 -1.15 -10.87 -1.25
C PRO B 163 -1.46 -9.41 -1.07
N PRO B 164 -2.74 -9.03 -0.91
CA PRO B 164 -3.07 -7.62 -0.69
C PRO B 164 -2.35 -7.03 0.51
N LYS B 165 -1.80 -7.89 1.37
CA LYS B 165 -0.94 -7.45 2.46
C LYS B 165 0.25 -6.63 1.95
N ILE B 166 0.81 -7.00 0.79
CA ILE B 166 1.98 -6.35 0.21
C ILE B 166 1.55 -5.17 -0.64
N VAL B 167 2.27 -4.06 -0.54
CA VAL B 167 2.04 -2.90 -1.39
C VAL B 167 3.28 -2.69 -2.25
N ILE B 168 3.08 -2.34 -3.51
CA ILE B 168 4.19 -2.07 -4.43
C ILE B 168 4.07 -0.62 -4.91
N GLY B 169 5.22 -0.02 -5.22
CA GLY B 169 5.31 1.38 -5.57
C GLY B 169 5.74 1.58 -7.01
N TYR B 170 5.27 2.70 -7.59
CA TYR B 170 5.65 3.12 -8.93
C TYR B 170 6.39 4.45 -8.82
N GLN B 171 7.64 4.48 -9.28
CA GLN B 171 8.48 5.66 -9.21
C GLN B 171 8.81 6.13 -10.61
N SER B 172 8.74 7.44 -10.83
CA SER B 172 9.19 7.98 -12.11
C SER B 172 10.70 7.87 -12.18
N HIS B 173 11.22 7.68 -13.40
CA HIS B 173 12.67 7.59 -13.56
C HIS B 173 13.35 8.90 -13.18
N ALA B 174 12.69 10.03 -13.44
CA ALA B 174 13.27 11.32 -13.06
C ALA B 174 13.58 11.36 -11.56
N ASP B 175 12.66 10.84 -10.74
CA ASP B 175 12.86 10.84 -9.30
C ASP B 175 13.93 9.84 -8.88
N THR B 176 13.95 8.66 -9.51
CA THR B 176 14.93 7.66 -9.14
C THR B 176 16.35 8.15 -9.36
N ALA B 177 16.55 8.95 -10.43
CA ALA B 177 17.90 9.37 -10.80
C ALA B 177 18.59 10.10 -9.65
N THR B 178 17.84 10.90 -8.90
CA THR B 178 18.38 11.67 -7.79
C THR B 178 18.10 11.00 -6.45
N LYS B 185 10.89 8.82 -4.37
CA LYS B 185 9.62 8.43 -3.76
C LYS B 185 8.65 7.84 -4.78
N ASN B 186 7.38 7.68 -4.37
CA ASN B 186 6.39 6.92 -5.13
C ASN B 186 5.34 7.84 -5.72
N ARG B 187 5.06 7.67 -7.02
CA ARG B 187 3.91 8.33 -7.65
C ARG B 187 2.62 7.58 -7.36
N PHE B 188 2.65 6.25 -7.42
CA PHE B 188 1.46 5.43 -7.25
C PHE B 188 1.81 4.20 -6.45
N VAL B 189 0.81 3.68 -5.74
CA VAL B 189 0.94 2.45 -4.97
C VAL B 189 -0.31 1.61 -5.21
N VAL B 190 -0.15 0.29 -5.15
CA VAL B 190 -1.23 -0.64 -5.49
C VAL B 190 -1.20 -1.94 -4.68
N VAL C 1 -29.75 7.22 24.96
CA VAL C 1 -29.41 8.58 24.58
C VAL C 1 -28.37 9.17 25.51
N ALA C 2 -27.58 10.08 24.95
CA ALA C 2 -26.32 10.47 25.53
C ALA C 2 -26.49 11.51 26.63
N ASN C 3 -25.52 11.55 27.54
CA ASN C 3 -25.45 12.66 28.49
C ASN C 3 -25.01 13.90 27.73
N PRO C 4 -25.84 14.94 27.64
CA PRO C 4 -25.61 16.03 26.69
C PRO C 4 -24.25 16.72 26.79
N GLU C 5 -23.56 16.59 27.92
CA GLU C 5 -22.46 17.49 28.22
C GLU C 5 -21.36 17.44 27.17
N HIS C 6 -20.93 16.24 26.78
CA HIS C 6 -19.64 16.13 26.12
C HIS C 6 -19.67 16.36 24.62
N TYR C 7 -20.76 16.07 23.93
CA TYR C 7 -20.79 16.22 22.48
C TYR C 7 -21.59 17.44 22.01
N ILE C 8 -22.26 18.15 22.91
CA ILE C 8 -23.12 19.28 22.55
C ILE C 8 -22.32 20.57 22.70
N LYS C 9 -22.33 21.40 21.66
CA LYS C 9 -21.73 22.72 21.80
C LYS C 9 -22.59 23.55 22.76
N HIS C 10 -21.94 24.53 23.40
CA HIS C 10 -22.59 25.36 24.40
C HIS C 10 -23.30 26.51 23.71
N PRO C 11 -24.63 26.55 23.69
CA PRO C 11 -25.31 27.62 22.94
C PRO C 11 -25.13 28.98 23.61
N LEU C 12 -25.07 30.03 22.77
CA LEU C 12 -25.10 31.39 23.27
C LEU C 12 -26.54 31.88 23.31
N GLN C 13 -26.77 32.88 24.17
CA GLN C 13 -28.11 33.47 24.22
C GLN C 13 -28.48 34.05 22.86
N ASN C 14 -27.54 34.70 22.18
CA ASN C 14 -27.82 35.28 20.87
C ASN C 14 -26.90 34.72 19.81
N ARG C 15 -27.35 34.83 18.57
CA ARG C 15 -26.52 34.68 17.41
C ARG C 15 -25.87 36.01 17.10
N TRP C 16 -24.57 35.98 16.84
CA TRP C 16 -23.79 37.19 16.67
C TRP C 16 -23.14 37.17 15.28
N ALA C 17 -22.85 38.37 14.78
CA ALA C 17 -22.23 38.54 13.48
C ALA C 17 -21.00 39.41 13.67
N LEU C 18 -19.84 38.95 13.20
CA LEU C 18 -18.62 39.73 13.26
C LEU C 18 -18.35 40.40 11.91
N TRP C 19 -18.13 41.70 11.95
CA TRP C 19 -17.94 42.52 10.77
C TRP C 19 -16.53 43.09 10.74
N PHE C 20 -16.03 43.34 9.54
CA PHE C 20 -14.74 44.00 9.35
C PHE C 20 -14.90 45.13 8.34
N PHE C 21 -14.23 46.24 8.63
CA PHE C 21 -14.28 47.39 7.73
C PHE C 21 -12.85 47.85 7.43
N LYS C 22 -12.62 48.21 6.18
CA LYS C 22 -11.35 48.80 5.76
C LYS C 22 -11.65 50.07 4.97
N ASN C 23 -11.18 51.21 5.46
CA ASN C 23 -11.40 52.48 4.79
C ASN C 23 -10.49 52.56 3.57
N ASP C 24 -10.90 51.84 2.52
CA ASP C 24 -10.25 51.90 1.21
C ASP C 24 -10.88 53.08 0.46
N LYS C 25 -10.20 54.24 0.51
CA LYS C 25 -10.79 55.49 0.05
C LYS C 25 -11.13 55.46 -1.44
N SER C 26 -10.58 54.52 -2.20
CA SER C 26 -10.86 54.38 -3.62
C SER C 26 -12.22 53.72 -3.89
N LYS C 27 -12.94 53.30 -2.85
CA LYS C 27 -14.20 52.60 -3.02
C LYS C 27 -15.24 53.19 -2.08
N THR C 28 -16.51 53.11 -2.51
CA THR C 28 -17.62 53.76 -1.82
C THR C 28 -17.83 53.21 -0.41
N TRP C 29 -18.80 53.78 0.30
CA TRP C 29 -18.99 53.48 1.72
C TRP C 29 -19.06 51.99 1.97
N GLN C 30 -20.09 51.34 1.45
CA GLN C 30 -20.14 49.88 1.49
C GLN C 30 -19.15 49.29 0.49
N ALA C 31 -19.06 47.96 0.49
CA ALA C 31 -18.06 47.16 -0.22
C ALA C 31 -16.68 47.37 0.40
N ASN C 32 -16.57 48.32 1.33
CA ASN C 32 -15.43 48.37 2.23
C ASN C 32 -15.81 47.64 3.52
N LEU C 33 -17.11 47.60 3.83
CA LEU C 33 -17.62 46.84 4.96
C LEU C 33 -18.03 45.44 4.47
N ARG C 34 -17.54 44.40 5.14
CA ARG C 34 -17.84 43.01 4.78
C ARG C 34 -18.14 42.18 6.03
N LEU C 35 -19.12 41.29 5.90
CA LEU C 35 -19.48 40.38 6.98
C LEU C 35 -18.55 39.16 6.97
N ILE C 36 -17.94 38.87 8.12
CA ILE C 36 -16.95 37.81 8.20
C ILE C 36 -17.68 36.48 8.43
N SER C 37 -18.39 36.40 9.55
CA SER C 37 -18.97 35.13 9.99
C SER C 37 -20.03 35.39 11.05
N LYS C 38 -20.95 34.44 11.19
CA LYS C 38 -21.94 34.42 12.25
C LYS C 38 -21.72 33.18 13.11
N PHE C 39 -22.07 33.28 14.38
CA PHE C 39 -21.85 32.17 15.29
C PHE C 39 -22.87 32.26 16.41
N ASP C 40 -23.14 31.11 17.04
CA ASP C 40 -24.09 31.14 18.15
C ASP C 40 -23.75 30.13 19.23
N THR C 41 -22.50 29.69 19.32
CA THR C 41 -22.04 28.81 20.39
C THR C 41 -20.69 29.32 20.89
N VAL C 42 -20.27 28.83 22.06
CA VAL C 42 -18.97 29.25 22.59
C VAL C 42 -17.84 28.71 21.72
N GLU C 43 -17.94 27.45 21.32
CA GLU C 43 -16.88 26.83 20.52
C GLU C 43 -16.69 27.57 19.20
N ASP C 44 -17.78 27.94 18.54
CA ASP C 44 -17.66 28.64 17.27
C ASP C 44 -17.16 30.05 17.45
N PHE C 45 -17.50 30.71 18.57
CA PHE C 45 -16.87 32.00 18.84
C PHE C 45 -15.35 31.86 18.85
N TRP C 46 -14.84 30.89 19.61
CA TRP C 46 -13.40 30.80 19.77
C TRP C 46 -12.74 30.34 18.47
N ALA C 47 -13.44 29.52 17.69
CA ALA C 47 -12.90 29.12 16.40
C ALA C 47 -12.71 30.35 15.51
N LEU C 48 -13.68 31.27 15.56
CA LEU C 48 -13.58 32.50 14.77
C LEU C 48 -12.52 33.45 15.32
N TYR C 49 -12.60 33.77 16.63
CA TYR C 49 -11.62 34.67 17.23
C TYR C 49 -10.20 34.19 17.00
N ASN C 50 -9.99 32.88 17.15
CA ASN C 50 -8.62 32.37 17.06
C ASN C 50 -8.03 32.45 15.66
N HIS C 51 -8.80 32.65 14.61
CA HIS C 51 -8.17 32.64 13.31
C HIS C 51 -8.08 34.03 12.66
N ILE C 52 -8.63 35.08 13.31
CA ILE C 52 -8.54 36.45 12.80
C ILE C 52 -7.46 37.23 13.53
N GLN C 53 -6.98 38.30 12.86
CA GLN C 53 -5.96 39.19 13.44
C GLN C 53 -6.42 39.83 14.74
N LEU C 54 -5.49 40.00 15.69
CA LEU C 54 -5.74 40.90 16.81
C LEU C 54 -5.95 42.32 16.29
N SER C 55 -6.78 43.09 17.02
CA SER C 55 -7.04 44.49 16.64
C SER C 55 -5.76 45.30 16.58
N SER C 56 -4.81 45.02 17.47
CA SER C 56 -3.55 45.76 17.49
C SER C 56 -2.70 45.53 16.25
N ASN C 57 -2.98 44.50 15.45
CA ASN C 57 -2.25 44.23 14.22
C ASN C 57 -2.98 44.69 12.97
N LEU C 58 -4.11 45.39 13.12
CA LEU C 58 -4.83 45.88 11.95
C LEU C 58 -4.18 47.17 11.43
N MET C 59 -4.34 47.41 10.14
CA MET C 59 -3.89 48.67 9.56
C MET C 59 -4.76 49.81 10.07
N PRO C 60 -4.18 50.99 10.31
CA PRO C 60 -4.99 52.15 10.67
C PRO C 60 -6.11 52.38 9.66
N GLY C 61 -7.29 52.70 10.16
CA GLY C 61 -8.44 52.87 9.30
C GLY C 61 -9.31 51.64 9.17
N CYS C 62 -9.00 50.57 9.90
CA CYS C 62 -9.79 49.34 9.92
C CYS C 62 -10.62 49.26 11.21
N ASP C 63 -11.75 48.55 11.11
CA ASP C 63 -12.59 48.30 12.27
C ASP C 63 -13.00 46.84 12.29
N TYR C 64 -13.25 46.33 13.50
CA TYR C 64 -14.10 45.18 13.75
C TYR C 64 -15.39 45.63 14.41
N SER C 65 -16.48 44.90 14.18
CA SER C 65 -17.63 45.08 15.04
C SER C 65 -18.33 43.75 15.19
N LEU C 66 -18.98 43.57 16.35
CA LEU C 66 -19.76 42.38 16.63
C LEU C 66 -21.14 42.84 17.05
N PHE C 67 -22.16 42.46 16.29
CA PHE C 67 -23.52 42.89 16.57
C PHE C 67 -24.44 41.68 16.56
N LYS C 68 -25.51 41.79 17.33
CA LYS C 68 -26.55 40.77 17.33
C LYS C 68 -27.05 40.56 15.91
N ASP C 69 -27.35 39.30 15.57
CA ASP C 69 -27.81 38.95 14.24
C ASP C 69 -29.03 39.79 13.89
N GLY C 70 -28.98 40.46 12.74
CA GLY C 70 -30.08 41.27 12.27
C GLY C 70 -29.93 42.75 12.54
N ILE C 71 -28.97 43.15 13.38
CA ILE C 71 -28.65 44.55 13.61
C ILE C 71 -27.36 44.85 12.85
N GLU C 72 -27.41 45.82 11.95
CA GLU C 72 -26.22 46.19 11.19
C GLU C 72 -25.39 47.18 11.98
N PRO C 73 -24.07 47.26 11.72
CA PRO C 73 -23.17 48.12 12.53
C PRO C 73 -23.18 49.58 12.09
N MET C 74 -24.35 50.21 12.12
CA MET C 74 -24.43 51.62 11.77
C MET C 74 -25.57 52.29 12.53
N TRP C 75 -25.47 53.63 12.62
CA TRP C 75 -26.45 54.42 13.35
C TRP C 75 -27.85 54.28 12.76
N GLU C 76 -27.93 54.12 11.43
CA GLU C 76 -29.20 54.19 10.72
C GLU C 76 -30.09 52.99 11.00
N ASP C 77 -29.54 51.88 11.49
CA ASP C 77 -30.33 50.69 11.74
C ASP C 77 -31.43 50.97 12.76
N GLU C 78 -32.56 50.27 12.59
CA GLU C 78 -33.73 50.53 13.43
C GLU C 78 -33.40 50.48 14.91
N LYS C 79 -32.59 49.50 15.33
CA LYS C 79 -32.30 49.33 16.74
C LYS C 79 -31.13 50.20 17.22
N ASN C 80 -30.49 50.97 16.34
CA ASN C 80 -29.39 51.82 16.74
C ASN C 80 -29.74 53.31 16.81
N LYS C 81 -30.69 53.78 15.99
CA LYS C 81 -30.84 55.22 15.78
C LYS C 81 -31.19 55.96 17.06
N ARG C 82 -31.99 55.34 17.93
CA ARG C 82 -32.33 55.95 19.21
C ARG C 82 -31.32 55.64 20.31
N GLY C 83 -30.26 54.89 20.00
CA GLY C 83 -29.31 54.45 20.98
C GLY C 83 -28.08 55.33 21.07
N GLY C 84 -27.06 54.77 21.70
CA GLY C 84 -25.79 55.46 21.89
C GLY C 84 -24.69 54.45 22.14
N ARG C 85 -23.62 54.91 22.77
CA ARG C 85 -22.46 54.05 23.02
C ARG C 85 -21.79 54.44 24.33
N TRP C 86 -21.25 53.44 25.02
CA TRP C 86 -20.27 53.63 26.08
C TRP C 86 -18.91 53.53 25.42
N LEU C 87 -18.12 54.61 25.48
CA LEU C 87 -16.89 54.71 24.71
C LEU C 87 -15.65 54.58 25.59
N ILE C 88 -14.65 53.86 25.07
CA ILE C 88 -13.32 53.75 25.64
C ILE C 88 -12.34 54.32 24.64
N THR C 89 -11.62 55.37 25.03
CA THR C 89 -10.56 55.94 24.21
C THR C 89 -9.21 55.46 24.71
N LEU C 90 -8.35 55.05 23.76
CA LEU C 90 -7.03 54.52 24.06
C LEU C 90 -5.97 55.38 23.39
N ASN C 91 -4.96 55.80 24.15
CA ASN C 91 -3.89 56.58 23.53
C ASN C 91 -2.98 55.66 22.72
N LYS C 92 -2.06 56.29 21.98
CA LYS C 92 -1.13 55.56 21.13
C LYS C 92 -0.31 54.52 21.88
N GLN C 93 -0.27 54.59 23.21
CA GLN C 93 0.43 53.61 24.03
C GLN C 93 -0.49 52.51 24.56
N GLN C 94 -1.79 52.79 24.74
CA GLN C 94 -2.70 51.76 25.21
C GLN C 94 -3.01 50.70 24.14
N ARG C 95 -2.72 50.97 22.87
CA ARG C 95 -2.82 49.93 21.86
C ARG C 95 -1.97 48.72 22.22
N ARG C 96 -0.81 48.96 22.86
CA ARG C 96 0.07 47.87 23.24
C ARG C 96 -0.44 47.13 24.48
N SER C 97 -0.82 47.87 25.52
CA SER C 97 -1.12 47.24 26.80
C SER C 97 -2.57 46.79 26.95
N ASP C 98 -3.51 47.45 26.30
CA ASP C 98 -4.91 47.27 26.69
C ASP C 98 -5.85 46.89 25.54
N LEU C 99 -5.55 47.31 24.31
CA LEU C 99 -6.55 47.24 23.23
C LEU C 99 -7.11 45.84 23.04
N ASP C 100 -6.22 44.84 22.90
CA ASP C 100 -6.67 43.48 22.62
C ASP C 100 -7.38 42.87 23.82
N ARG C 101 -6.84 43.03 25.03
CA ARG C 101 -7.53 42.45 26.17
C ARG C 101 -8.84 43.19 26.45
N PHE C 102 -8.88 44.52 26.22
CA PHE C 102 -10.15 45.24 26.33
C PHE C 102 -11.16 44.73 25.31
N TRP C 103 -10.71 44.51 24.07
CA TRP C 103 -11.63 44.10 23.01
C TRP C 103 -12.18 42.70 23.29
N LEU C 104 -11.31 41.76 23.69
CA LEU C 104 -11.79 40.43 24.03
C LEU C 104 -12.79 40.48 25.18
N GLU C 105 -12.47 41.25 26.22
CA GLU C 105 -13.41 41.38 27.33
C GLU C 105 -14.73 41.95 26.85
N THR C 106 -14.69 42.89 25.89
CA THR C 106 -15.91 43.47 25.35
C THR C 106 -16.71 42.42 24.59
N LEU C 107 -16.03 41.58 23.82
CA LEU C 107 -16.69 40.48 23.15
C LEU C 107 -17.33 39.51 24.13
N LEU C 108 -16.61 39.17 25.20
CA LEU C 108 -17.15 38.22 26.17
C LEU C 108 -18.33 38.80 26.93
N CYS C 109 -18.35 40.13 27.19
CA CYS C 109 -19.50 40.76 27.81
C CYS C 109 -20.73 40.69 26.91
N LEU C 110 -20.53 40.73 25.59
CA LEU C 110 -21.67 40.64 24.67
C LEU C 110 -22.22 39.22 24.64
N ILE C 111 -21.41 38.27 24.17
CA ILE C 111 -21.90 36.91 23.98
C ILE C 111 -22.27 36.28 25.31
N GLY C 112 -21.61 36.68 26.38
CA GLY C 112 -21.88 36.18 27.72
C GLY C 112 -22.97 36.90 28.49
N GLU C 113 -23.72 37.80 27.85
CA GLU C 113 -24.86 38.50 28.45
C GLU C 113 -24.55 38.98 29.87
N SER C 114 -23.39 39.63 30.02
CA SER C 114 -22.85 39.97 31.34
C SER C 114 -23.61 41.10 32.02
N PHE C 115 -24.57 41.73 31.35
CA PHE C 115 -25.29 42.87 31.90
C PHE C 115 -26.65 42.45 32.49
N ASP C 116 -26.90 41.16 32.64
CA ASP C 116 -28.06 40.64 33.37
C ASP C 116 -29.33 41.07 32.64
N ASP C 117 -30.34 41.60 33.33
CA ASP C 117 -31.63 41.87 32.69
C ASP C 117 -31.51 42.89 31.58
N TYR C 118 -30.56 43.81 31.69
CA TYR C 118 -30.44 44.89 30.73
C TYR C 118 -29.62 44.50 29.49
N SER C 119 -29.10 43.27 29.44
CA SER C 119 -28.37 42.82 28.26
C SER C 119 -29.23 42.86 26.99
N ASP C 120 -30.55 42.92 27.15
CA ASP C 120 -31.45 43.12 26.01
C ASP C 120 -31.20 44.45 25.30
N ASP C 121 -30.68 45.46 26.01
CA ASP C 121 -30.42 46.74 25.38
C ASP C 121 -29.14 46.78 24.56
N VAL C 122 -28.27 45.79 24.70
CA VAL C 122 -27.05 45.73 23.91
C VAL C 122 -27.38 45.49 22.45
N CYS C 123 -26.76 46.25 21.55
CA CYS C 123 -26.84 45.97 20.12
C CYS C 123 -25.57 45.33 19.58
N GLY C 124 -24.42 45.82 20.00
CA GLY C 124 -23.15 45.30 19.51
C GLY C 124 -22.01 46.12 20.08
N ALA C 125 -20.80 45.87 19.55
CA ALA C 125 -19.65 46.64 19.96
C ALA C 125 -18.76 46.89 18.74
N VAL C 126 -17.93 47.93 18.84
CA VAL C 126 -17.11 48.39 17.73
C VAL C 126 -15.71 48.72 18.26
N VAL C 127 -14.68 48.27 17.55
CA VAL C 127 -13.33 48.71 17.82
C VAL C 127 -12.82 49.46 16.59
N ASN C 128 -12.34 50.68 16.80
CA ASN C 128 -11.79 51.51 15.74
C ASN C 128 -10.27 51.53 15.88
N VAL C 129 -9.56 51.08 14.83
CA VAL C 129 -8.11 51.17 14.77
C VAL C 129 -7.74 52.45 14.03
N ARG C 130 -7.16 53.42 14.74
CA ARG C 130 -6.91 54.73 14.17
C ARG C 130 -5.50 55.19 14.53
N ALA C 131 -4.81 55.76 13.55
CA ALA C 131 -3.46 56.25 13.78
C ALA C 131 -3.42 57.30 14.87
N LYS C 132 -4.46 58.11 15.00
CA LYS C 132 -4.50 59.15 16.02
C LYS C 132 -5.21 58.69 17.29
N GLY C 133 -5.51 57.39 17.44
CA GLY C 133 -6.10 56.89 18.66
C GLY C 133 -7.17 55.82 18.48
N ASP C 134 -7.04 54.72 19.19
CA ASP C 134 -7.99 53.62 19.08
C ASP C 134 -9.16 53.80 20.05
N LYS C 135 -10.32 53.30 19.64
CA LYS C 135 -11.52 53.39 20.45
C LYS C 135 -12.26 52.05 20.48
N ILE C 136 -12.96 51.83 21.60
CA ILE C 136 -13.85 50.69 21.79
C ILE C 136 -15.14 51.22 22.39
N ALA C 137 -16.27 50.74 21.86
CA ALA C 137 -17.59 51.21 22.30
C ALA C 137 -18.59 50.06 22.30
N ILE C 138 -19.43 50.03 23.33
CA ILE C 138 -20.58 49.15 23.38
C ILE C 138 -21.80 49.96 22.97
N TRP C 139 -22.49 49.50 21.93
CA TRP C 139 -23.68 50.17 21.43
C TRP C 139 -24.91 49.61 22.11
N THR C 140 -25.80 50.52 22.55
CA THR C 140 -27.09 50.14 23.10
C THR C 140 -28.19 50.76 22.27
N THR C 141 -29.43 50.30 22.49
CA THR C 141 -30.51 50.56 21.55
C THR C 141 -31.33 51.82 21.89
N GLU C 142 -31.27 52.32 23.12
CA GLU C 142 -32.13 53.45 23.53
C GLU C 142 -31.37 54.34 24.50
N CYS C 143 -30.95 55.52 24.01
CA CYS C 143 -30.18 56.46 24.82
C CYS C 143 -30.98 57.03 25.99
N GLU C 144 -32.29 56.88 26.00
CA GLU C 144 -33.12 57.34 27.10
C GLU C 144 -33.30 56.29 28.20
N ASN C 145 -32.80 55.07 27.98
CA ASN C 145 -32.99 53.97 28.93
C ASN C 145 -31.95 54.06 30.05
N ARG C 146 -32.21 55.00 30.97
CA ARG C 146 -31.24 55.35 32.00
C ARG C 146 -30.86 54.16 32.86
N ASP C 147 -31.85 53.40 33.33
CA ASP C 147 -31.55 52.21 34.13
C ASP C 147 -30.66 51.24 33.37
N ALA C 148 -30.99 50.99 32.10
CA ALA C 148 -30.20 50.05 31.29
C ALA C 148 -28.84 50.63 30.95
N VAL C 149 -28.81 51.85 30.40
CA VAL C 149 -27.57 52.48 29.96
C VAL C 149 -26.58 52.54 31.11
N THR C 150 -27.03 53.01 32.27
CA THR C 150 -26.12 53.23 33.39
C THR C 150 -25.68 51.92 34.00
N HIS C 151 -26.56 50.92 34.08
CA HIS C 151 -26.14 49.63 34.58
C HIS C 151 -25.03 49.05 33.71
N ILE C 152 -25.15 49.20 32.39
CA ILE C 152 -24.20 48.58 31.46
C ILE C 152 -22.81 49.20 31.63
N GLY C 153 -22.76 50.53 31.74
CA GLY C 153 -21.46 51.19 31.91
C GLY C 153 -20.79 50.82 33.22
N ARG C 154 -21.57 50.64 34.28
CA ARG C 154 -21.00 50.26 35.56
C ARG C 154 -20.32 48.90 35.48
N VAL C 155 -21.00 47.92 34.89
CA VAL C 155 -20.40 46.59 34.77
C VAL C 155 -19.31 46.57 33.70
N TYR C 156 -19.52 47.29 32.59
CA TYR C 156 -18.51 47.32 31.53
C TYR C 156 -17.16 47.78 32.08
N LYS C 157 -17.14 48.91 32.80
CA LYS C 157 -15.88 49.42 33.32
C LYS C 157 -15.32 48.52 34.43
N GLU C 158 -16.20 47.93 35.25
CA GLU C 158 -15.74 47.00 36.28
C GLU C 158 -15.12 45.75 35.66
N ARG C 159 -15.74 45.21 34.60
CA ARG C 159 -15.14 44.08 33.90
C ARG C 159 -13.76 44.45 33.35
N LEU C 160 -13.65 45.63 32.72
CA LEU C 160 -12.38 46.11 32.18
C LEU C 160 -11.36 46.43 33.27
N GLY C 161 -11.77 46.52 34.53
CA GLY C 161 -10.86 46.81 35.62
C GLY C 161 -10.32 48.21 35.64
N LEU C 162 -11.04 49.17 35.06
CA LEU C 162 -10.54 50.54 35.00
C LEU C 162 -10.58 51.18 36.39
N PRO C 163 -9.61 52.02 36.71
CA PRO C 163 -9.63 52.71 38.00
C PRO C 163 -10.71 53.77 38.01
N PRO C 164 -11.13 54.24 39.19
CA PRO C 164 -12.00 55.42 39.22
C PRO C 164 -11.36 56.64 38.58
N LYS C 165 -10.02 56.69 38.57
CA LYS C 165 -9.31 57.79 37.92
C LYS C 165 -9.75 57.94 36.48
N ILE C 166 -9.77 56.84 35.74
CA ILE C 166 -10.30 56.85 34.38
C ILE C 166 -11.82 56.86 34.45
N VAL C 167 -12.44 57.85 33.84
CA VAL C 167 -13.88 57.92 33.69
C VAL C 167 -14.20 57.67 32.23
N ILE C 168 -15.28 56.95 31.98
CA ILE C 168 -15.72 56.69 30.61
C ILE C 168 -17.11 57.26 30.45
N GLY C 169 -17.47 57.54 29.20
CA GLY C 169 -18.65 58.33 28.91
C GLY C 169 -19.60 57.63 27.98
N TYR C 170 -20.89 57.93 28.13
CA TYR C 170 -21.94 57.48 27.23
C TYR C 170 -22.47 58.68 26.45
N GLN C 171 -22.44 58.58 25.12
CA GLN C 171 -22.92 59.62 24.23
C GLN C 171 -23.98 59.04 23.31
N SER C 172 -24.99 59.86 23.02
CA SER C 172 -25.99 59.46 22.05
C SER C 172 -25.39 59.42 20.66
N HIS C 173 -25.86 58.45 19.86
CA HIS C 173 -25.41 58.40 18.47
C HIS C 173 -25.78 59.68 17.73
N ALA C 174 -26.89 60.30 18.11
CA ALA C 174 -27.27 61.59 17.53
C ALA C 174 -26.25 62.67 17.89
N ASP C 175 -25.79 62.69 19.14
CA ASP C 175 -24.81 63.69 19.55
C ASP C 175 -23.53 63.58 18.71
N THR C 176 -23.06 62.36 18.46
CA THR C 176 -21.90 62.15 17.60
C THR C 176 -22.12 62.77 16.23
N LYS C 185 -19.96 65.45 25.21
CA LYS C 185 -21.42 65.47 25.36
C LYS C 185 -21.91 64.16 25.97
N ASN C 186 -21.63 63.97 27.27
CA ASN C 186 -21.84 62.70 27.94
C ASN C 186 -23.11 62.74 28.78
N ARG C 187 -24.14 62.02 28.33
CA ARG C 187 -25.34 61.87 29.15
C ARG C 187 -25.04 61.11 30.44
N PHE C 188 -24.06 60.21 30.42
CA PHE C 188 -23.69 59.43 31.58
C PHE C 188 -22.18 59.23 31.60
N VAL C 189 -21.65 59.07 32.81
CA VAL C 189 -20.24 58.75 33.03
C VAL C 189 -20.18 57.80 34.22
N VAL C 190 -19.10 57.02 34.29
CA VAL C 190 -18.92 56.13 35.43
C VAL C 190 -17.52 56.25 36.01
N ASN D 3 29.16 -10.50 -23.87
CA ASN D 3 30.14 -11.56 -23.74
C ASN D 3 29.51 -12.82 -23.16
N PRO D 4 29.56 -13.92 -23.91
CA PRO D 4 28.76 -15.10 -23.56
C PRO D 4 28.95 -15.64 -22.16
N GLU D 5 30.09 -15.44 -21.52
CA GLU D 5 30.49 -16.36 -20.45
C GLU D 5 29.52 -16.32 -19.27
N HIS D 6 29.20 -15.13 -18.75
CA HIS D 6 28.56 -15.15 -17.44
C HIS D 6 27.07 -15.49 -17.48
N TYR D 7 26.37 -15.26 -18.58
CA TYR D 7 24.92 -15.47 -18.57
C TYR D 7 24.49 -16.75 -19.28
N ILE D 8 25.41 -17.51 -19.85
CA ILE D 8 25.04 -18.71 -20.60
C ILE D 8 25.30 -19.95 -19.75
N LYS D 9 24.31 -20.84 -19.68
CA LYS D 9 24.52 -22.12 -19.00
C LYS D 9 25.55 -22.93 -19.76
N HIS D 10 26.33 -23.72 -19.03
CA HIS D 10 27.36 -24.57 -19.62
C HIS D 10 26.74 -25.84 -20.15
N PRO D 11 26.66 -25.99 -21.47
CA PRO D 11 25.99 -27.15 -22.04
C PRO D 11 26.78 -28.44 -21.79
N LEU D 12 26.05 -29.54 -21.67
CA LEU D 12 26.65 -30.86 -21.65
C LEU D 12 26.68 -31.45 -23.06
N GLN D 13 27.61 -32.39 -23.29
CA GLN D 13 27.65 -33.04 -24.58
C GLN D 13 26.33 -33.76 -24.89
N ASN D 14 25.76 -34.43 -23.90
CA ASN D 14 24.49 -35.13 -24.05
C ASN D 14 23.42 -34.55 -23.14
N ARG D 15 22.17 -34.69 -23.59
CA ARG D 15 21.04 -34.61 -22.67
C ARG D 15 20.87 -35.93 -21.93
N TRP D 16 20.56 -35.85 -20.64
CA TRP D 16 20.47 -37.02 -19.77
C TRP D 16 19.09 -37.06 -19.11
N ALA D 17 18.65 -38.27 -18.75
CA ALA D 17 17.42 -38.47 -18.01
C ALA D 17 17.71 -39.15 -16.67
N LEU D 18 17.17 -38.61 -15.58
CA LEU D 18 17.25 -39.22 -14.27
C LEU D 18 15.95 -39.96 -13.99
N TRP D 19 16.08 -41.23 -13.60
CA TRP D 19 14.96 -42.11 -13.36
C TRP D 19 14.97 -42.55 -11.90
N PHE D 20 13.78 -42.86 -11.39
CA PHE D 20 13.66 -43.43 -10.07
C PHE D 20 12.81 -44.69 -10.14
N PHE D 21 13.16 -45.67 -9.33
CA PHE D 21 12.38 -46.90 -9.23
C PHE D 21 12.18 -47.22 -7.76
N LYS D 22 10.98 -47.72 -7.43
CA LYS D 22 10.69 -48.29 -6.12
C LYS D 22 10.00 -49.63 -6.31
N ASN D 23 10.48 -50.65 -5.58
CA ASN D 23 9.95 -52.00 -5.75
C ASN D 23 8.68 -52.15 -4.90
N ASP D 24 7.57 -51.71 -5.48
CA ASP D 24 6.24 -51.83 -4.86
C ASP D 24 5.56 -53.05 -5.47
N LYS D 25 5.60 -54.18 -4.74
CA LYS D 25 5.17 -55.45 -5.29
C LYS D 25 3.68 -55.50 -5.60
N SER D 26 2.88 -54.59 -5.06
CA SER D 26 1.48 -54.57 -5.43
C SER D 26 1.25 -54.07 -6.85
N LYS D 27 2.28 -53.58 -7.54
CA LYS D 27 2.19 -53.09 -8.94
C LYS D 27 3.29 -53.74 -9.80
N TRP D 29 6.15 -53.88 -12.25
CA TRP D 29 7.47 -53.30 -12.51
C TRP D 29 7.38 -51.94 -13.17
N GLN D 30 6.59 -51.85 -14.26
CA GLN D 30 6.65 -50.68 -15.13
C GLN D 30 6.12 -49.43 -14.43
N ALA D 31 4.97 -49.54 -13.75
CA ALA D 31 4.34 -48.38 -13.13
C ALA D 31 5.18 -47.79 -12.00
N ASN D 32 6.13 -48.54 -11.46
CA ASN D 32 6.95 -48.07 -10.35
C ASN D 32 8.17 -47.29 -10.80
N LEU D 33 8.66 -47.55 -12.02
CA LEU D 33 9.79 -46.81 -12.58
C LEU D 33 9.25 -45.58 -13.30
N ARG D 34 9.72 -44.40 -12.90
CA ARG D 34 9.26 -43.17 -13.50
C ARG D 34 10.42 -42.22 -13.75
N LEU D 35 10.28 -41.42 -14.80
CA LEU D 35 11.30 -40.45 -15.18
C LEU D 35 11.15 -39.18 -14.36
N ILE D 36 12.21 -38.78 -13.66
CA ILE D 36 12.15 -37.60 -12.81
C ILE D 36 12.28 -36.33 -13.65
N SER D 37 13.36 -36.23 -14.40
CA SER D 37 13.71 -34.98 -15.06
C SER D 37 14.79 -35.25 -16.11
N LYS D 38 14.82 -34.38 -17.11
CA LYS D 38 15.86 -34.35 -18.14
C LYS D 38 16.67 -33.07 -17.99
N PHE D 39 17.94 -33.12 -18.40
CA PHE D 39 18.76 -31.94 -18.25
C PHE D 39 19.91 -32.02 -19.24
N ASP D 40 20.42 -30.84 -19.63
CA ASP D 40 21.57 -30.86 -20.54
C ASP D 40 22.54 -29.72 -20.30
N THR D 41 22.60 -29.19 -19.08
CA THR D 41 23.62 -28.24 -18.68
C THR D 41 24.12 -28.62 -17.30
N VAL D 42 25.37 -28.21 -17.03
CA VAL D 42 25.93 -28.33 -15.69
C VAL D 42 25.02 -27.70 -14.64
N GLU D 43 24.49 -26.49 -14.93
CA GLU D 43 23.66 -25.78 -13.95
C GLU D 43 22.40 -26.58 -13.63
N ASP D 44 21.73 -27.09 -14.66
CA ASP D 44 20.52 -27.85 -14.44
C ASP D 44 20.82 -29.20 -13.79
N PHE D 45 22.01 -29.77 -14.04
CA PHE D 45 22.35 -31.01 -13.34
C PHE D 45 22.42 -30.77 -11.84
N TRP D 46 23.09 -29.69 -11.42
CA TRP D 46 23.23 -29.46 -9.99
C TRP D 46 21.91 -29.09 -9.35
N ALA D 47 21.03 -28.39 -10.07
CA ALA D 47 19.74 -28.02 -9.50
C ALA D 47 18.88 -29.25 -9.25
N LEU D 48 18.99 -30.25 -10.14
CA LEU D 48 18.30 -31.52 -9.91
C LEU D 48 18.98 -32.31 -8.79
N TYR D 49 20.30 -32.46 -8.86
CA TYR D 49 21.01 -33.23 -7.85
C TYR D 49 20.77 -32.67 -6.46
N ASN D 50 20.76 -31.34 -6.32
CA ASN D 50 20.68 -30.75 -4.99
C ASN D 50 19.29 -30.87 -4.36
N HIS D 51 18.25 -31.18 -5.12
CA HIS D 51 16.94 -31.25 -4.48
C HIS D 51 16.42 -32.66 -4.29
N ILE D 52 17.14 -33.71 -4.71
CA ILE D 52 16.68 -35.07 -4.52
C ILE D 52 17.46 -35.73 -3.40
N GLN D 53 16.91 -36.84 -2.90
CA GLN D 53 17.49 -37.55 -1.77
C GLN D 53 18.83 -38.18 -2.17
N LEU D 54 19.78 -38.19 -1.23
CA LEU D 54 20.96 -39.00 -1.41
C LEU D 54 20.57 -40.47 -1.50
N SER D 55 21.39 -41.23 -2.25
CA SER D 55 21.12 -42.66 -2.40
C SER D 55 21.11 -43.38 -1.06
N SER D 56 21.98 -42.94 -0.15
CA SER D 56 22.06 -43.57 1.17
C SER D 56 20.77 -43.41 1.95
N ASN D 57 19.97 -42.39 1.64
CA ASN D 57 18.71 -42.14 2.33
C ASN D 57 17.51 -42.77 1.62
N LEU D 58 17.72 -43.50 0.52
CA LEU D 58 16.63 -44.20 -0.12
C LEU D 58 16.29 -45.48 0.64
N MET D 59 15.01 -45.83 0.63
CA MET D 59 14.59 -47.10 1.21
C MET D 59 15.15 -48.27 0.40
N PRO D 60 15.38 -49.41 1.03
CA PRO D 60 15.70 -50.62 0.26
C PRO D 60 14.65 -50.90 -0.80
N GLY D 61 15.10 -51.47 -1.92
CA GLY D 61 14.22 -51.68 -3.04
C GLY D 61 14.07 -50.49 -3.97
N CYS D 62 14.84 -49.42 -3.75
CA CYS D 62 14.81 -48.25 -4.61
C CYS D 62 16.06 -48.18 -5.47
N ASP D 63 15.91 -47.53 -6.63
CA ASP D 63 17.02 -47.29 -7.54
C ASP D 63 16.95 -45.87 -8.09
N TYR D 64 18.12 -45.29 -8.32
CA TYR D 64 18.29 -44.19 -9.25
C TYR D 64 18.98 -44.71 -10.51
N SER D 65 18.64 -44.12 -11.64
CA SER D 65 19.44 -44.34 -12.83
C SER D 65 19.51 -43.04 -13.62
N LEU D 66 20.66 -42.85 -14.26
CA LEU D 66 20.87 -41.75 -15.19
C LEU D 66 21.25 -42.35 -16.52
N PHE D 67 20.48 -42.03 -17.55
CA PHE D 67 20.71 -42.55 -18.88
C PHE D 67 20.62 -41.43 -19.90
N LYS D 68 21.36 -41.60 -20.99
CA LYS D 68 21.24 -40.69 -22.12
C LYS D 68 19.80 -40.65 -22.62
N ASP D 69 19.34 -39.45 -22.95
CA ASP D 69 18.00 -39.28 -23.51
C ASP D 69 17.78 -40.25 -24.65
N GLY D 70 16.59 -40.86 -24.69
CA GLY D 70 16.27 -41.85 -25.70
C GLY D 70 16.55 -43.29 -25.30
N ILE D 71 17.35 -43.50 -24.26
CA ILE D 71 17.68 -44.86 -23.81
C ILE D 71 16.91 -45.12 -22.53
N GLU D 72 16.05 -46.12 -22.54
CA GLU D 72 15.37 -46.41 -21.29
C GLU D 72 16.23 -47.32 -20.42
N PRO D 73 16.08 -47.22 -19.09
CA PRO D 73 17.02 -47.91 -18.18
C PRO D 73 16.72 -49.40 -18.02
N MET D 74 16.72 -50.14 -19.13
CA MET D 74 16.40 -51.55 -19.03
C MET D 74 17.10 -52.34 -20.12
N TRP D 75 17.34 -53.62 -19.85
CA TRP D 75 18.06 -54.50 -20.78
C TRP D 75 17.39 -54.53 -22.15
N GLU D 76 16.06 -54.49 -22.17
CA GLU D 76 15.30 -54.66 -23.40
C GLU D 76 15.43 -53.50 -24.37
N ASP D 77 16.00 -52.37 -23.94
CA ASP D 77 16.22 -51.25 -24.85
C ASP D 77 17.22 -51.64 -25.92
N GLU D 78 16.95 -51.18 -27.16
CA GLU D 78 17.81 -51.44 -28.30
C GLU D 78 19.28 -51.23 -27.94
N LYS D 79 19.54 -50.13 -27.24
CA LYS D 79 20.90 -49.71 -26.91
C LYS D 79 21.50 -50.47 -25.72
N ASN D 80 20.73 -51.33 -25.03
CA ASN D 80 21.25 -52.04 -23.87
C ASN D 80 21.29 -53.56 -24.03
N LYS D 81 20.51 -54.15 -24.94
CA LYS D 81 20.35 -55.61 -24.95
C LYS D 81 21.64 -56.33 -25.30
N ARG D 82 22.48 -55.71 -26.12
CA ARG D 82 23.78 -56.25 -26.45
C ARG D 82 24.84 -55.78 -25.44
N GLY D 83 24.47 -54.89 -24.53
CA GLY D 83 25.41 -54.25 -23.65
C GLY D 83 25.80 -55.06 -22.41
N GLY D 84 26.33 -54.34 -21.44
CA GLY D 84 26.71 -54.90 -20.16
C GLY D 84 26.97 -53.77 -19.19
N ARG D 85 27.63 -54.10 -18.07
CA ARG D 85 27.81 -53.13 -16.99
C ARG D 85 29.12 -53.37 -16.26
N TRP D 86 29.78 -52.28 -15.86
CA TRP D 86 30.86 -52.34 -14.87
C TRP D 86 30.23 -52.18 -13.50
N LEU D 87 30.35 -53.22 -12.67
CA LEU D 87 29.61 -53.31 -11.42
C LEU D 87 30.50 -52.99 -10.22
N ILE D 88 29.97 -52.17 -9.32
CA ILE D 88 30.59 -51.90 -8.04
C ILE D 88 29.64 -52.41 -6.96
N THR D 89 30.10 -53.39 -6.20
CA THR D 89 29.32 -53.92 -5.09
C THR D 89 29.85 -53.34 -3.79
N LEU D 90 28.96 -52.80 -2.98
CA LEU D 90 29.29 -52.24 -1.68
C LEU D 90 28.63 -53.09 -0.60
N ASN D 91 29.38 -53.40 0.47
CA ASN D 91 28.77 -54.08 1.60
C ASN D 91 27.86 -53.10 2.35
N LYS D 92 27.18 -53.61 3.38
CA LYS D 92 26.25 -52.76 4.12
C LYS D 92 26.96 -51.61 4.83
N GLN D 93 28.25 -51.76 5.11
CA GLN D 93 28.97 -50.68 5.79
CA GLN D 93 29.01 -50.69 5.78
C GLN D 93 29.40 -49.57 4.83
N GLN D 94 29.64 -49.90 3.55
CA GLN D 94 30.03 -48.90 2.57
C GLN D 94 28.88 -48.00 2.15
N ARG D 95 27.63 -48.34 2.51
CA ARG D 95 26.54 -47.39 2.31
C ARG D 95 26.82 -46.08 3.04
N ARG D 96 27.40 -46.16 4.23
CA ARG D 96 27.73 -44.99 5.03
C ARG D 96 28.95 -44.26 4.47
N SER D 97 30.01 -44.99 4.12
CA SER D 97 31.28 -44.35 3.79
C SER D 97 31.47 -44.05 2.30
N ASP D 98 30.83 -44.80 1.40
CA ASP D 98 31.25 -44.70 0.01
C ASP D 98 30.12 -44.42 -0.97
N LEU D 99 28.90 -44.84 -0.64
CA LEU D 99 27.84 -44.94 -1.65
C LEU D 99 27.58 -43.60 -2.32
N ASP D 100 27.49 -42.52 -1.52
CA ASP D 100 27.03 -41.24 -2.07
C ASP D 100 28.12 -40.59 -2.91
N ARG D 101 29.38 -40.62 -2.45
CA ARG D 101 30.44 -40.03 -3.25
C ARG D 101 30.76 -40.90 -4.47
N PHE D 102 30.64 -42.23 -4.34
CA PHE D 102 30.78 -43.09 -5.50
C PHE D 102 29.72 -42.75 -6.55
N TRP D 103 28.48 -42.55 -6.13
CA TRP D 103 27.42 -42.28 -7.08
C TRP D 103 27.59 -40.90 -7.74
N LEU D 104 28.02 -39.89 -6.97
CA LEU D 104 28.20 -38.56 -7.56
C LEU D 104 29.32 -38.56 -8.59
N GLU D 105 30.44 -39.22 -8.28
CA GLU D 105 31.54 -39.33 -9.24
C GLU D 105 31.08 -40.07 -10.49
N THR D 106 30.23 -41.08 -10.32
CA THR D 106 29.70 -41.79 -11.46
C THR D 106 28.83 -40.88 -12.31
N LEU D 107 27.95 -40.12 -11.66
CA LEU D 107 27.14 -39.14 -12.37
C LEU D 107 28.01 -38.16 -13.14
N LEU D 108 29.13 -37.71 -12.54
CA LEU D 108 30.00 -36.73 -13.18
C LEU D 108 30.84 -37.36 -14.29
N CYS D 109 31.19 -38.64 -14.14
CA CYS D 109 31.85 -39.36 -15.23
C CYS D 109 30.94 -39.43 -16.46
N LEU D 110 29.64 -39.64 -16.22
CA LEU D 110 28.70 -39.66 -17.33
C LEU D 110 28.62 -38.30 -18.00
N ILE D 111 28.15 -37.28 -17.25
CA ILE D 111 27.83 -36.01 -17.88
C ILE D 111 29.09 -35.27 -18.30
N GLY D 112 30.22 -35.53 -17.62
CA GLY D 112 31.49 -34.99 -18.04
C GLY D 112 32.16 -35.70 -19.19
N GLU D 113 31.61 -36.83 -19.65
CA GLU D 113 32.19 -37.60 -20.75
C GLU D 113 33.64 -37.97 -20.45
N SER D 114 33.86 -38.52 -19.24
CA SER D 114 35.19 -38.73 -18.67
C SER D 114 35.97 -39.85 -19.36
N PHE D 115 35.38 -40.53 -20.34
CA PHE D 115 36.01 -41.71 -20.93
C PHE D 115 36.53 -41.45 -22.34
N ASP D 116 36.63 -40.18 -22.73
CA ASP D 116 37.28 -39.77 -23.97
C ASP D 116 36.54 -40.38 -25.15
N ASP D 117 37.22 -41.02 -26.11
CA ASP D 117 36.59 -41.46 -27.35
C ASP D 117 35.48 -42.47 -27.10
N TYR D 118 35.58 -43.22 -26.01
CA TYR D 118 34.66 -44.32 -25.77
C TYR D 118 33.42 -43.91 -24.99
N SER D 119 33.25 -42.63 -24.66
CA SER D 119 32.03 -42.19 -23.99
C SER D 119 30.80 -42.38 -24.85
N ASP D 120 30.96 -42.49 -26.17
CA ASP D 120 29.84 -42.85 -27.04
C ASP D 120 29.29 -44.23 -26.70
N ASP D 121 30.11 -45.11 -26.13
CA ASP D 121 29.63 -46.43 -25.70
C ASP D 121 28.89 -46.41 -24.37
N VAL D 122 28.96 -45.31 -23.60
CA VAL D 122 28.25 -45.24 -22.34
C VAL D 122 26.76 -45.09 -22.59
N CYS D 123 25.95 -45.94 -21.96
CA CYS D 123 24.51 -45.76 -21.99
C CYS D 123 24.00 -44.99 -20.78
N GLY D 124 24.48 -45.34 -19.60
CA GLY D 124 23.98 -44.75 -18.38
C GLY D 124 24.58 -45.46 -17.19
N ALA D 125 24.04 -45.13 -16.02
CA ALA D 125 24.50 -45.73 -14.78
C ALA D 125 23.31 -45.97 -13.87
N VAL D 126 23.46 -46.93 -12.97
CA VAL D 126 22.39 -47.37 -12.08
C VAL D 126 22.96 -47.53 -10.66
N VAL D 127 22.21 -47.07 -9.68
CA VAL D 127 22.52 -47.38 -8.28
C VAL D 127 21.33 -48.12 -7.68
N ASN D 128 21.60 -49.32 -7.17
CA ASN D 128 20.59 -50.12 -6.49
C ASN D 128 20.82 -50.04 -4.99
N VAL D 129 19.79 -49.63 -4.25
CA VAL D 129 19.80 -49.66 -2.79
C VAL D 129 19.14 -50.96 -2.34
N ARG D 130 19.89 -51.80 -1.65
CA ARG D 130 19.41 -53.13 -1.31
C ARG D 130 19.90 -53.50 0.09
N ALA D 131 19.04 -54.18 0.84
CA ALA D 131 19.35 -54.46 2.24
C ALA D 131 20.61 -55.31 2.39
N LYS D 132 20.81 -56.28 1.50
CA LYS D 132 21.96 -57.17 1.56
C LYS D 132 23.16 -56.64 0.76
N GLY D 133 23.13 -55.38 0.33
CA GLY D 133 24.26 -54.80 -0.36
C GLY D 133 23.87 -53.90 -1.51
N ASP D 134 24.38 -52.67 -1.53
CA ASP D 134 24.08 -51.75 -2.62
C ASP D 134 25.00 -52.01 -3.80
N LYS D 135 24.59 -51.50 -4.96
CA LYS D 135 25.35 -51.64 -6.19
C LYS D 135 25.34 -50.33 -6.97
N ILE D 136 26.42 -50.10 -7.70
CA ILE D 136 26.55 -49.00 -8.65
C ILE D 136 27.19 -49.56 -9.91
N ALA D 137 26.53 -49.37 -11.06
CA ALA D 137 26.98 -49.93 -12.33
C ALA D 137 26.92 -48.88 -13.43
N ILE D 138 27.96 -48.82 -14.26
CA ILE D 138 27.96 -48.04 -15.49
C ILE D 138 27.62 -48.99 -16.63
N TRP D 139 26.55 -48.66 -17.37
CA TRP D 139 26.09 -49.52 -18.45
C TRP D 139 26.67 -49.03 -19.78
N THR D 140 27.10 -49.98 -20.60
CA THR D 140 27.63 -49.68 -21.92
C THR D 140 26.86 -50.49 -22.96
N THR D 141 26.99 -50.07 -24.23
CA THR D 141 26.02 -50.46 -25.26
C THR D 141 26.35 -51.79 -25.91
N GLU D 142 27.60 -52.25 -25.84
CA GLU D 142 28.06 -53.36 -26.66
C GLU D 142 29.12 -54.10 -25.86
N CYS D 143 28.74 -55.26 -25.31
CA CYS D 143 29.63 -56.04 -24.45
C CYS D 143 30.84 -56.60 -25.18
N GLU D 144 30.87 -56.54 -26.51
CA GLU D 144 31.94 -57.17 -27.28
C GLU D 144 32.97 -56.17 -27.83
N ASN D 145 32.79 -54.87 -27.62
CA ASN D 145 33.85 -53.93 -28.02
C ASN D 145 34.81 -53.82 -26.84
N ARG D 146 35.91 -54.58 -26.91
CA ARG D 146 36.82 -54.69 -25.78
C ARG D 146 37.48 -53.37 -25.46
N ASP D 147 37.95 -52.67 -26.49
CA ASP D 147 38.73 -51.45 -26.25
C ASP D 147 37.91 -50.42 -25.50
N ALA D 148 36.63 -50.27 -25.87
CA ALA D 148 35.76 -49.33 -25.17
C ALA D 148 35.46 -49.82 -23.77
N VAL D 149 35.15 -51.11 -23.63
CA VAL D 149 34.74 -51.64 -22.33
C VAL D 149 35.92 -51.61 -21.36
N THR D 150 37.13 -51.88 -21.85
CA THR D 150 38.28 -51.90 -20.94
C THR D 150 38.76 -50.50 -20.60
N HIS D 151 38.78 -49.59 -21.58
CA HIS D 151 39.15 -48.21 -21.28
C HIS D 151 38.18 -47.58 -20.29
N ILE D 152 36.89 -47.92 -20.39
CA ILE D 152 35.91 -47.32 -19.47
C ILE D 152 36.11 -47.86 -18.06
N GLY D 153 36.44 -49.15 -17.93
CA GLY D 153 36.60 -49.74 -16.61
C GLY D 153 37.82 -49.24 -15.88
N ARG D 154 38.94 -49.07 -16.59
CA ARG D 154 40.15 -48.57 -15.95
C ARG D 154 39.96 -47.13 -15.46
N VAL D 155 39.38 -46.28 -16.30
CA VAL D 155 39.18 -44.88 -15.90
C VAL D 155 38.21 -44.82 -14.72
N TYR D 156 37.09 -45.53 -14.83
CA TYR D 156 36.06 -45.52 -13.78
C TYR D 156 36.66 -45.91 -12.43
N LYS D 157 37.47 -46.97 -12.40
CA LYS D 157 38.07 -47.38 -11.13
C LYS D 157 39.03 -46.31 -10.60
N GLU D 158 39.80 -45.68 -11.49
CA GLU D 158 40.68 -44.58 -11.06
C GLU D 158 39.86 -43.40 -10.54
N ARG D 159 38.75 -43.07 -11.21
CA ARG D 159 37.92 -41.95 -10.78
C ARG D 159 37.29 -42.22 -9.42
N LEU D 160 37.00 -43.48 -9.10
CA LEU D 160 36.43 -43.83 -7.80
C LEU D 160 37.48 -43.89 -6.69
N GLY D 161 38.75 -43.71 -7.01
CA GLY D 161 39.79 -43.84 -6.00
C GLY D 161 39.93 -45.23 -5.42
N LEU D 162 39.62 -46.27 -6.20
CA LEU D 162 39.69 -47.63 -5.68
C LEU D 162 41.14 -48.08 -5.59
N PRO D 163 41.49 -48.89 -4.58
CA PRO D 163 42.85 -49.43 -4.50
C PRO D 163 43.06 -50.51 -5.54
N PRO D 164 44.31 -50.76 -5.95
CA PRO D 164 44.58 -51.93 -6.80
C PRO D 164 44.18 -53.23 -6.15
N LYS D 165 44.03 -53.26 -4.82
CA LYS D 165 43.54 -54.45 -4.15
C LYS D 165 42.14 -54.83 -4.64
N ILE D 166 41.27 -53.83 -4.80
CA ILE D 166 39.88 -54.09 -5.19
C ILE D 166 39.83 -54.38 -6.69
N VAL D 167 39.11 -55.44 -7.05
CA VAL D 167 38.85 -55.78 -8.45
C VAL D 167 37.36 -55.59 -8.70
N ILE D 168 37.02 -54.99 -9.85
CA ILE D 168 35.64 -54.79 -10.27
C ILE D 168 35.43 -55.47 -11.61
N GLY D 169 34.20 -55.89 -11.87
CA GLY D 169 33.90 -56.79 -12.95
C GLY D 169 32.89 -56.22 -13.93
N TYR D 170 32.98 -56.69 -15.19
CA TYR D 170 32.06 -56.32 -16.27
C TYR D 170 31.28 -57.55 -16.70
N GLN D 171 29.97 -57.54 -16.45
CA GLN D 171 29.09 -58.63 -16.84
C GLN D 171 28.20 -58.17 -17.98
N SER D 172 28.17 -58.97 -19.04
CA SER D 172 27.17 -58.79 -20.08
C SER D 172 25.78 -58.82 -19.47
N HIS D 173 24.89 -57.98 -20.00
CA HIS D 173 23.50 -58.03 -19.56
C HIS D 173 22.88 -59.39 -19.85
N ALA D 174 23.30 -60.04 -20.94
CA ALA D 174 22.75 -61.35 -21.30
C ALA D 174 23.19 -62.43 -20.32
N ASP D 175 24.46 -62.40 -19.87
CA ASP D 175 24.93 -63.39 -18.90
C ASP D 175 24.27 -63.18 -17.54
N THR D 176 24.10 -61.92 -17.12
CA THR D 176 23.34 -61.62 -15.91
C THR D 176 21.90 -62.13 -16.02
N ALA D 177 21.32 -62.04 -17.22
CA ALA D 177 19.90 -62.35 -17.40
C ALA D 177 19.62 -63.85 -17.41
N THR D 178 20.53 -64.66 -17.95
CA THR D 178 20.27 -66.10 -18.06
C THR D 178 20.78 -66.90 -16.86
N LYS D 179 21.79 -66.40 -16.16
CA LYS D 179 22.34 -67.11 -15.00
C LYS D 179 21.93 -66.43 -13.69
N LYS D 185 29.01 -63.36 -13.77
CA LYS D 185 30.12 -63.88 -14.57
C LYS D 185 30.75 -62.76 -15.39
N ASN D 186 32.06 -62.57 -15.20
CA ASN D 186 32.77 -61.41 -15.73
C ASN D 186 33.37 -61.70 -17.10
N ARG D 187 33.10 -60.82 -18.08
CA ARG D 187 33.88 -60.82 -19.31
C ARG D 187 35.17 -60.05 -19.15
N PHE D 188 35.22 -59.09 -18.23
CA PHE D 188 36.42 -58.31 -17.95
C PHE D 188 36.45 -57.95 -16.47
N VAL D 189 37.67 -57.70 -15.96
CA VAL D 189 37.88 -57.23 -14.60
C VAL D 189 39.01 -56.20 -14.62
N VAL D 190 39.00 -55.32 -13.61
CA VAL D 190 40.00 -54.25 -13.52
C VAL D 190 40.56 -54.15 -12.10
C1 EI8 E . -19.07 3.81 18.81
C10 EI8 E . -14.70 -3.43 20.30
C11 EI8 E . -14.99 -4.61 20.99
C12 EI8 E . -16.14 -5.33 20.71
C13 EI8 E . -16.80 -3.80 19.04
C14 EI8 E . -15.58 -2.98 19.30
C15 EI8 E . -15.31 -1.80 18.60
C16 EI8 E . -11.53 0.18 17.13
C17 EI8 E . -10.81 1.35 17.38
C18 EI8 E . -9.44 1.33 17.67
C19 EI8 E . -8.77 0.10 17.69
C2 EI8 E . -17.93 3.23 18.85
C20 EI8 E . -9.49 -1.08 17.45
C21 EI8 E . -10.85 -1.04 17.19
C22 EI8 E . -15.73 3.03 19.82
C23 EI8 E . -16.98 3.63 19.79
C3 EI8 E . -17.62 2.22 17.94
C4 EI8 E . -16.37 1.62 17.99
C5 EI8 E . -15.41 2.01 18.92
C6 EI8 E . -14.03 1.37 18.98
C7 EI8 E . -14.14 -1.07 18.87
C8 EI8 E . -13.28 -1.53 19.87
C9 EI8 E . -13.55 -2.70 20.58
N1 EI8 E . -20.06 4.39 18.75
N2 EI8 E . -13.81 0.14 18.22
N3 EI8 E . -17.01 -4.93 19.76
O1 EI8 E . -17.62 -3.45 18.16
O2 EI8 E . -13.47 -0.88 15.97
O3 EI8 E . -13.49 1.44 16.20
O4 EI8 E . -9.21 3.57 18.86
O5 EI8 E . -7.29 2.37 18.39
S1 EI8 E . -13.12 0.21 16.84
S2 EI8 E . -8.60 2.68 17.91
C1 EI8 F . 20.08 -3.27 -18.04
C10 EI8 F . 21.20 4.26 -14.38
C11 EI8 F . 21.83 5.43 -14.81
C12 EI8 F . 21.44 6.05 -15.99
C13 EI8 F . 19.79 4.43 -16.42
C14 EI8 F . 20.16 3.71 -15.16
C15 EI8 F . 19.51 2.55 -14.75
C16 EI8 F . 18.21 0.83 -10.79
C17 EI8 F . 18.51 -0.29 -9.99
C18 EI8 F . 18.78 -0.15 -8.62
C19 EI8 F . 18.76 1.12 -8.04
C2 EI8 F . 20.06 -2.59 -16.96
C20 EI8 F . 18.47 2.24 -8.82
C21 EI8 F . 18.21 2.10 -10.19
C22 EI8 F . 20.99 -2.17 -14.78
C23 EI8 F . 21.00 -2.88 -15.97
C3 EI8 F . 19.11 -1.57 -16.75
C4 EI8 F . 19.12 -0.85 -15.53
C5 EI8 F . 20.06 -1.16 -14.55
C6 EI8 F . 20.12 -0.45 -13.21
C7 EI8 F . 19.89 1.93 -13.56
C8 EI8 F . 20.93 2.47 -12.79
C9 EI8 F . 21.58 3.64 -13.20
N1 EI8 F . 20.08 -3.96 -18.98
N2 EI8 F . 19.29 0.74 -13.09
N3 EI8 F . 20.46 5.57 -16.76
O1 EI8 F . 18.88 4.02 -17.18
O2 EI8 F . 17.00 1.73 -12.77
O3 EI8 F . 17.32 -0.60 -12.61
O4 EI8 F . 19.98 -2.33 -8.43
O5 EI8 F . 19.70 -1.07 -6.48
S1 EI8 F . 17.92 0.68 -12.37
S2 EI8 F . 19.11 -1.45 -7.72
C1 EI8 G . -18.11 48.89 11.61
C10 EI8 G . -20.79 56.83 10.43
C11 EI8 G . -21.66 57.39 9.48
C12 EI8 G . -22.96 56.93 9.36
C13 EI8 G . -22.67 55.35 11.07
C14 EI8 G . -21.26 55.81 11.24
C15 EI8 G . -20.44 55.24 12.20
C16 EI8 G . -17.35 56.58 15.23
C17 EI8 G . -15.98 56.40 15.11
C18 EI8 G . -15.10 57.40 15.47
C19 EI8 G . -15.59 58.61 15.97
C2 EI8 G . -17.91 50.14 11.88
C20 EI8 G . -16.96 58.79 16.09
C21 EI8 G . -17.85 57.79 15.72
C22 EI8 G . -16.66 52.16 11.56
C23 EI8 G . -16.89 50.82 11.27
C3 EI8 G . -18.75 50.80 12.81
C4 EI8 G . -18.51 52.16 13.10
C5 EI8 G . -17.47 52.84 12.47
C6 EI8 G . -17.16 54.29 12.75
C7 EI8 G . -19.13 55.69 12.35
C8 EI8 G . -18.66 56.72 11.52
C9 EI8 G . -19.49 57.29 10.57
N1 EI8 G . -18.23 47.76 11.38
N2 EI8 G . -18.24 55.13 13.29
N3 EI8 G . -23.45 55.94 10.13
O1 EI8 G . -23.12 54.43 11.78
O2 EI8 G . -19.67 55.75 15.20
O3 EI8 G . -17.92 54.20 15.50
O4 EI8 G . -13.32 55.76 14.92
O5 EI8 G . -12.95 58.00 14.32
S1 EI8 G . -18.33 55.40 14.79
S2 EI8 G . -13.54 57.12 15.30
C1 EI8 H . 16.31 -48.28 -13.04
C10 EI8 H . 15.70 -56.77 -14.91
C11 EI8 H . 14.85 -57.55 -15.68
C12 EI8 H . 14.54 -57.16 -16.98
C13 EI8 H . 15.87 -55.22 -16.83
C14 EI8 H . 16.24 -55.59 -15.43
C15 EI8 H . 17.09 -54.80 -14.67
C16 EI8 H . 20.08 -55.76 -11.40
C17 EI8 H . 20.10 -55.49 -10.03
C18 EI8 H . 20.37 -56.52 -9.10
C19 EI8 H . 20.62 -57.80 -9.56
C2 EI8 H . 16.64 -49.49 -12.79
C20 EI8 H . 20.61 -58.08 -10.93
C21 EI8 H . 20.33 -57.06 -11.84
C22 EI8 H . 16.36 -51.39 -11.36
C23 EI8 H . 16.03 -50.10 -11.71
C3 EI8 H . 17.59 -50.19 -13.54
C4 EI8 H . 17.93 -51.51 -13.19
C5 EI8 H . 17.29 -52.11 -12.10
C6 EI8 H . 17.58 -53.52 -11.62
C7 EI8 H . 17.42 -55.19 -13.37
C8 EI8 H . 16.86 -56.36 -12.86
C9 EI8 H . 16.01 -57.16 -13.61
N1 EI8 H . 16.03 -47.18 -13.25
N2 EI8 H . 18.25 -54.43 -12.54
N3 EI8 H . 15.04 -56.03 -17.53
O1 EI8 H . 16.34 -54.19 -17.34
O2 EI8 H . 20.31 -54.96 -13.76
O3 EI8 H . 20.40 -53.37 -12.05
O4 EI8 H . 19.78 -54.97 -7.24
O5 EI8 H . 19.72 -57.26 -6.80
S1 EI8 H . 19.78 -54.60 -12.47
S2 EI8 H . 20.40 -56.23 -7.52
#